data_2OZA
#
_entry.id   2OZA
#
_cell.length_a   83.310
_cell.length_b   83.310
_cell.length_c   231.490
_cell.angle_alpha   90.000
_cell.angle_beta   90.000
_cell.angle_gamma   90.000
#
_symmetry.space_group_name_H-M   'P 41 21 2'
#
loop_
_entity.id
_entity.type
_entity.pdbx_description
1 polymer 'MAP kinase-activated protein kinase 2'
2 polymer 'Mitogen-activated protein kinase 14'
3 water water
#
loop_
_entity_poly.entity_id
_entity_poly.type
_entity_poly.pdbx_seq_one_letter_code
_entity_poly.pdbx_strand_id
1 'polypeptide(L)'
;GSHVKSGLQIKKNAIIDDYKVTSQVLGLGINGKVLQIFNKRTQEKFALKMLQDCPKARREVELHWRASQCPHIVRIVDVY
ENLYAGRKCLLIVMECLDGGELFSRIQDRGDQAFTEREASEIMKSIGEAIQYLHSINIAHRDVKPENLLYTSKRPNAILK
LTDFGFAKETTSHNSLTTPCYTPYYVAPEVLGPEKYDKSCDMWSLGVIMYILLCGYPPFYSNHGLAISPGMKTRIRMGQY
EFPNPEWSEVSEEVKMLIRNLLKTEPTQRMTITEFMNHPWIMQSTKVPQTPLHTSRVLKEDKERWEDVKEEMTSALATMR
VDYEQIKIKKIEDASNPLLLKRRKKARALEAAALAH
;
A
2 'polypeptide(L)'
;MAHHHHHSQERPTFYRQELNKTIWEVPERYQNLSPVGSGAYGSVCAAFDTKTGHRVAVKKLSRPFQSIIHAKRTYRELRL
LKHMKHENVIGLLDVFTPARSLEEFNDVYLVTHLMGADLNNIVKCQKLTDDHVQFLIYQILRGLKYIHSADIIHRDLKPS
NLAVNEDCELKILDFGLARHTDDEMTGYVATRWYRAPEIMLNWMHYNQTVDIWSVGCIMAELLTGRTLFPGTDHIDQLKL
ILRLVGTPGAELLKKISSESARNYIQSLAQMPKMNFANVFIGANPLAVDLLEKMLVLDSDKRITAAQALAHAYFAQYHDP
DDEPVADPYDQSFESRDLLIDEWKSLTYDEVISFVPPPLDQEEMES
;
B
#
# COMPACT_ATOMS: atom_id res chain seq x y z
N GLY A 7 30.35 8.98 13.49
CA GLY A 7 30.97 8.55 12.21
C GLY A 7 30.95 9.70 11.22
N LEU A 8 29.75 10.10 10.79
CA LEU A 8 29.60 11.23 9.88
C LEU A 8 29.79 12.56 10.61
N GLN A 9 30.57 13.45 10.01
CA GLN A 9 30.59 14.82 10.49
C GLN A 9 29.85 15.76 9.54
N ILE A 10 28.84 16.42 10.08
CA ILE A 10 28.06 17.37 9.31
C ILE A 10 28.68 18.75 9.37
N LYS A 11 28.90 19.34 8.20
CA LYS A 11 29.53 20.63 8.12
C LYS A 11 28.56 21.75 8.46
N LYS A 12 29.09 22.80 9.11
CA LYS A 12 28.28 23.91 9.59
C LYS A 12 28.34 25.17 8.73
N ASN A 13 29.25 25.21 7.76
CA ASN A 13 29.33 26.43 6.92
C ASN A 13 28.22 26.53 5.86
N ALA A 14 28.10 27.71 5.26
CA ALA A 14 27.21 27.91 4.14
C ALA A 14 27.67 26.98 3.04
N ILE A 15 26.74 26.26 2.43
CA ILE A 15 27.10 25.33 1.39
C ILE A 15 27.62 26.06 0.14
N ILE A 16 27.22 27.32 -0.03
CA ILE A 16 27.65 28.13 -1.17
C ILE A 16 29.14 28.41 -1.14
N ASP A 17 29.72 28.43 0.06
CA ASP A 17 31.18 28.56 0.21
C ASP A 17 31.89 27.53 -0.66
N ASP A 18 31.34 26.32 -0.72
CA ASP A 18 32.00 25.18 -1.33
C ASP A 18 31.45 24.78 -2.70
N TYR A 19 30.14 24.91 -2.88
CA TYR A 19 29.52 24.50 -4.13
C TYR A 19 28.75 25.65 -4.75
N LYS A 20 28.90 25.82 -6.06
CA LYS A 20 28.03 26.71 -6.81
C LYS A 20 26.71 25.95 -6.95
N VAL A 21 25.68 26.44 -6.28
CA VAL A 21 24.37 25.77 -6.18
C VAL A 21 23.47 26.18 -7.34
N THR A 22 23.45 25.41 -8.43
CA THR A 22 22.75 25.89 -9.63
C THR A 22 21.24 25.86 -9.47
N SER A 23 20.56 26.55 -10.38
CA SER A 23 19.11 26.67 -10.31
C SER A 23 18.47 25.55 -11.13
N GLN A 24 19.20 25.02 -12.11
CA GLN A 24 18.70 23.91 -12.91
C GLN A 24 18.26 22.77 -11.98
N VAL A 25 17.18 22.08 -12.36
CA VAL A 25 16.54 21.11 -11.47
C VAL A 25 16.83 19.68 -11.89
N LEU A 26 17.16 18.83 -10.93
CA LEU A 26 17.32 17.38 -11.20
C LEU A 26 15.98 16.66 -11.04
N GLY A 27 15.01 17.32 -10.42
CA GLY A 27 13.71 16.71 -10.26
C GLY A 27 13.01 17.08 -8.97
N LEU A 28 12.11 16.22 -8.50
CA LEU A 28 11.35 16.47 -7.29
C LEU A 28 11.27 15.22 -6.41
N GLY A 29 11.47 15.42 -5.11
CA GLY A 29 11.40 14.29 -4.19
C GLY A 29 10.32 14.50 -3.15
N ILE A 30 10.44 13.83 -2.02
CA ILE A 30 9.50 14.01 -0.91
C ILE A 30 9.70 15.39 -0.32
N ASN A 31 10.64 15.52 0.58
CA ASN A 31 10.86 16.78 1.29
C ASN A 31 11.65 17.77 0.46
N GLY A 32 12.23 17.28 -0.63
CA GLY A 32 13.22 18.07 -1.34
C GLY A 32 12.92 18.36 -2.80
N LYS A 33 13.26 19.57 -3.23
CA LYS A 33 13.45 19.83 -4.64
C LYS A 33 14.96 19.74 -4.90
N VAL A 34 15.39 18.73 -5.66
CA VAL A 34 16.82 18.49 -5.86
C VAL A 34 17.39 19.34 -6.98
N LEU A 35 18.50 20.01 -6.69
CA LEU A 35 19.09 20.93 -7.64
C LEU A 35 20.47 20.39 -8.01
N GLN A 36 20.91 20.69 -9.23
CA GLN A 36 22.26 20.37 -9.64
C GLN A 36 23.25 21.34 -9.01
N ILE A 37 24.43 20.84 -8.68
CA ILE A 37 25.48 21.70 -8.10
C ILE A 37 26.86 21.29 -8.58
N PHE A 38 27.83 22.15 -8.30
CA PHE A 38 29.22 21.90 -8.63
C PHE A 38 30.11 22.21 -7.46
N ASN A 39 31.14 21.40 -7.29
CA ASN A 39 32.19 21.71 -6.33
C ASN A 39 33.03 22.85 -6.89
N LYS A 40 33.25 23.89 -6.08
CA LYS A 40 33.99 25.06 -6.54
C LYS A 40 35.42 24.68 -6.95
N ARG A 41 36.15 24.07 -6.02
CA ARG A 41 37.56 23.74 -6.22
C ARG A 41 37.77 22.76 -7.36
N THR A 42 36.97 21.71 -7.41
CA THR A 42 37.21 20.60 -8.31
C THR A 42 36.27 20.58 -9.51
N GLN A 43 35.20 21.35 -9.40
CA GLN A 43 34.23 21.51 -10.48
C GLN A 43 33.62 20.19 -10.94
N GLU A 44 33.65 19.18 -10.07
CA GLU A 44 32.88 17.99 -10.32
C GLU A 44 31.41 18.34 -10.17
N LYS A 45 30.56 17.56 -10.82
CA LYS A 45 29.12 17.79 -10.78
C LYS A 45 28.47 16.85 -9.75
N PHE A 46 27.59 17.39 -8.92
CA PHE A 46 26.85 16.59 -7.94
C PHE A 46 25.39 17.01 -7.90
N ALA A 47 24.64 16.43 -6.95
CA ALA A 47 23.22 16.72 -6.80
C ALA A 47 22.94 17.02 -5.34
N LEU A 48 22.13 18.05 -5.09
CA LEU A 48 21.82 18.43 -3.71
C LEU A 48 20.38 18.14 -3.37
N LYS A 49 20.19 17.40 -2.29
CA LYS A 49 18.87 16.99 -1.82
C LYS A 49 18.69 17.59 -0.42
N MET A 50 17.51 18.13 -0.13
CA MET A 50 17.26 18.75 1.17
C MET A 50 16.26 17.94 1.98
N LEU A 51 16.48 17.87 3.29
CA LEU A 51 15.48 17.37 4.23
C LEU A 51 15.33 18.38 5.34
N GLN A 52 14.19 18.38 6.02
CA GLN A 52 14.02 19.28 7.15
C GLN A 52 14.73 18.61 8.31
N ASP A 53 15.47 19.38 9.11
CA ASP A 53 16.37 18.81 10.08
C ASP A 53 15.68 18.46 11.41
N CYS A 54 15.25 17.20 11.52
CA CYS A 54 14.69 16.61 12.73
C CYS A 54 15.35 15.24 12.92
N PRO A 55 15.00 14.52 13.99
CA PRO A 55 15.61 13.21 14.24
C PRO A 55 15.29 12.12 13.21
N LYS A 56 14.07 12.12 12.65
CA LYS A 56 13.80 11.26 11.51
C LYS A 56 14.83 11.53 10.42
N ALA A 57 15.00 12.79 10.01
CA ALA A 57 15.92 13.12 8.92
C ALA A 57 17.38 12.76 9.20
N ARG A 58 17.77 12.77 10.47
CA ARG A 58 19.16 12.52 10.81
C ARG A 58 19.49 11.03 10.82
N ARG A 59 18.45 10.20 10.92
CA ARG A 59 18.64 8.76 10.89
C ARG A 59 18.78 8.25 9.46
N GLU A 60 17.87 8.62 8.58
CA GLU A 60 18.06 8.41 7.14
C GLU A 60 19.48 8.85 6.76
N VAL A 61 19.89 10.00 7.24
CA VAL A 61 21.20 10.55 6.96
C VAL A 61 22.30 9.61 7.44
N GLU A 62 22.17 9.16 8.69
CA GLU A 62 23.21 8.37 9.32
C GLU A 62 23.35 7.08 8.55
N LEU A 63 22.23 6.37 8.40
CA LEU A 63 22.23 5.02 7.85
C LEU A 63 22.73 5.06 6.42
N HIS A 64 22.31 6.07 5.68
CA HIS A 64 22.68 6.15 4.28
C HIS A 64 24.14 6.53 4.20
N TRP A 65 24.66 7.20 5.23
CA TRP A 65 26.10 7.39 5.33
C TRP A 65 26.76 6.01 5.32
N ARG A 66 26.48 5.22 6.35
CA ARG A 66 27.09 3.90 6.49
C ARG A 66 26.98 3.06 5.21
N ALA A 67 25.87 3.25 4.48
CA ALA A 67 25.62 2.47 3.27
C ALA A 67 26.48 2.93 2.11
N SER A 68 27.07 4.12 2.23
CA SER A 68 27.69 4.75 1.06
C SER A 68 28.95 4.03 0.64
N GLN A 69 29.51 3.23 1.54
CA GLN A 69 30.71 2.49 1.21
C GLN A 69 30.41 1.31 0.27
N CYS A 70 29.14 0.98 0.08
CA CYS A 70 28.76 -0.06 -0.87
C CYS A 70 28.65 0.45 -2.31
N PRO A 71 29.22 -0.32 -3.26
CA PRO A 71 29.29 0.01 -4.69
C PRO A 71 27.95 0.26 -5.38
N HIS A 72 26.89 -0.36 -4.87
CA HIS A 72 25.60 -0.33 -5.56
C HIS A 72 24.58 0.49 -4.81
N ILE A 73 25.04 1.31 -3.90
CA ILE A 73 24.21 2.26 -3.18
C ILE A 73 24.70 3.67 -3.52
N VAL A 74 23.78 4.62 -3.69
CA VAL A 74 24.16 5.95 -4.15
C VAL A 74 24.98 6.61 -3.07
N ARG A 75 26.09 7.20 -3.47
CA ARG A 75 27.05 7.67 -2.49
C ARG A 75 26.72 9.08 -2.02
N ILE A 76 26.64 9.24 -0.70
CA ILE A 76 26.59 10.55 -0.09
C ILE A 76 28.00 11.12 -0.01
N VAL A 77 28.18 12.32 -0.53
CA VAL A 77 29.50 12.94 -0.59
C VAL A 77 29.74 13.86 0.59
N ASP A 78 28.74 14.68 0.94
CA ASP A 78 28.82 15.62 2.05
C ASP A 78 27.43 15.89 2.63
N VAL A 79 27.39 16.33 3.87
CA VAL A 79 26.12 16.69 4.52
C VAL A 79 26.25 17.99 5.32
N TYR A 80 25.52 19.01 4.88
CA TYR A 80 25.59 20.31 5.52
C TYR A 80 24.31 20.51 6.31
N GLU A 81 24.42 21.27 7.40
CA GLU A 81 23.25 21.87 8.03
C GLU A 81 23.28 23.39 7.90
N ASN A 82 22.44 23.93 7.02
CA ASN A 82 22.33 25.36 6.81
C ASN A 82 20.87 25.76 7.05
N LEU A 83 20.63 27.06 7.13
CA LEU A 83 19.29 27.58 7.10
C LEU A 83 18.99 27.85 5.65
N TYR A 84 17.84 27.39 5.18
CA TYR A 84 17.40 27.70 3.83
C TYR A 84 16.09 28.42 3.89
N ALA A 85 16.10 29.72 3.60
CA ALA A 85 14.88 30.50 3.78
C ALA A 85 14.42 30.31 5.21
N GLY A 86 15.30 30.59 6.18
CA GLY A 86 14.90 30.57 7.57
C GLY A 86 14.43 29.26 8.20
N ARG A 87 14.58 28.15 7.50
CA ARG A 87 14.28 26.85 8.10
C ARG A 87 15.56 26.00 8.23
N LYS A 88 15.77 25.42 9.41
CA LYS A 88 16.79 24.39 9.58
C LYS A 88 16.64 23.36 8.47
N CYS A 89 17.77 22.94 7.89
CA CYS A 89 17.75 21.89 6.88
C CYS A 89 19.04 21.12 6.77
N LEU A 90 18.95 19.84 6.47
CA LEU A 90 20.13 19.07 6.10
C LEU A 90 20.20 19.08 4.59
N LEU A 91 21.22 19.73 4.06
CA LEU A 91 21.46 19.63 2.63
C LEU A 91 22.31 18.39 2.47
N ILE A 92 21.92 17.52 1.54
CA ILE A 92 22.67 16.31 1.30
C ILE A 92 23.25 16.30 -0.11
N VAL A 93 24.56 16.15 -0.23
CA VAL A 93 25.19 16.18 -1.54
C VAL A 93 25.47 14.76 -2.03
N MET A 94 25.07 14.47 -3.26
CA MET A 94 25.07 13.10 -3.76
C MET A 94 25.67 12.92 -5.13
N GLU A 95 26.36 11.80 -5.31
CA GLU A 95 26.72 11.29 -6.61
C GLU A 95 25.58 11.55 -7.59
N CYS A 96 25.89 12.15 -8.73
CA CYS A 96 24.88 12.39 -9.77
C CYS A 96 24.45 11.05 -10.38
N LEU A 97 23.15 10.90 -10.64
CA LEU A 97 22.64 9.67 -11.23
C LEU A 97 21.99 9.96 -12.57
N ASP A 98 22.78 9.81 -13.64
CA ASP A 98 22.39 10.23 -14.98
C ASP A 98 21.35 9.28 -15.55
N GLY A 99 21.70 8.00 -15.57
CA GLY A 99 21.00 7.02 -16.38
C GLY A 99 19.48 7.01 -16.36
N GLY A 100 18.88 7.26 -15.20
CA GLY A 100 17.45 7.12 -15.09
C GLY A 100 17.07 5.78 -14.48
N GLU A 101 15.77 5.55 -14.30
CA GLU A 101 15.30 4.36 -13.61
C GLU A 101 15.82 3.12 -14.34
N LEU A 102 15.82 1.97 -13.64
CA LEU A 102 16.29 0.73 -14.23
C LEU A 102 15.40 0.26 -15.38
N PHE A 103 14.09 0.34 -15.18
CA PHE A 103 13.11 -0.20 -16.12
C PHE A 103 12.91 0.69 -17.34
N SER A 104 13.15 1.99 -17.18
CA SER A 104 13.17 2.90 -18.31
C SER A 104 14.29 2.52 -19.27
N ARG A 105 15.39 1.98 -18.75
CA ARG A 105 16.50 1.57 -19.61
C ARG A 105 16.12 0.37 -20.44
N ILE A 106 15.83 -0.74 -19.77
CA ILE A 106 15.42 -1.97 -20.45
C ILE A 106 14.31 -1.65 -21.42
N GLN A 107 13.38 -0.80 -21.00
CA GLN A 107 12.36 -0.31 -21.90
C GLN A 107 13.01 -0.01 -23.24
N ASP A 108 13.82 1.06 -23.27
CA ASP A 108 14.49 1.50 -24.50
C ASP A 108 15.56 0.52 -24.96
N ARG A 109 15.38 -0.04 -26.16
CA ARG A 109 16.32 -1.02 -26.69
C ARG A 109 16.42 -0.99 -28.21
N GLY A 110 17.41 -1.71 -28.74
CA GLY A 110 17.60 -1.80 -30.18
C GLY A 110 16.48 -2.46 -30.99
N ASP A 111 15.83 -3.49 -30.43
CA ASP A 111 16.21 -4.08 -29.14
C ASP A 111 17.34 -5.09 -29.35
N GLN A 112 18.47 -4.89 -28.67
CA GLN A 112 19.54 -5.87 -28.69
C GLN A 112 19.11 -7.13 -27.94
N ALA A 113 17.81 -7.25 -27.71
CA ALA A 113 17.21 -8.33 -26.93
C ALA A 113 17.61 -8.22 -25.46
N PHE A 114 16.69 -8.59 -24.59
CA PHE A 114 16.97 -8.62 -23.17
C PHE A 114 17.05 -10.07 -22.70
N THR A 115 18.24 -10.51 -22.31
CA THR A 115 18.46 -11.91 -21.95
C THR A 115 18.44 -12.19 -20.45
N GLU A 116 18.15 -13.44 -20.09
CA GLU A 116 17.88 -13.82 -18.71
C GLU A 116 19.10 -13.66 -17.81
N ARG A 117 20.29 -13.75 -18.41
CA ARG A 117 21.52 -13.58 -17.65
C ARG A 117 21.74 -12.11 -17.34
N GLU A 118 21.29 -11.22 -18.23
CA GLU A 118 21.30 -9.81 -17.92
C GLU A 118 20.48 -9.61 -16.67
N ALA A 119 19.29 -10.21 -16.66
CA ALA A 119 18.39 -10.09 -15.51
C ALA A 119 19.13 -10.57 -14.27
N SER A 120 19.91 -11.63 -14.43
CA SER A 120 20.64 -12.19 -13.30
C SER A 120 21.70 -11.24 -12.74
N GLU A 121 22.46 -10.60 -13.64
CA GLU A 121 23.42 -9.61 -13.21
C GLU A 121 22.68 -8.46 -12.54
N ILE A 122 21.63 -7.97 -13.19
CA ILE A 122 20.90 -6.84 -12.64
C ILE A 122 20.39 -7.19 -11.27
N MET A 123 20.03 -8.44 -11.07
CA MET A 123 19.53 -8.89 -9.78
C MET A 123 20.64 -9.21 -8.81
N LYS A 124 21.79 -9.65 -9.31
CA LYS A 124 22.93 -9.82 -8.42
C LYS A 124 23.35 -8.46 -7.88
N SER A 125 23.24 -7.44 -8.73
CA SER A 125 23.55 -6.05 -8.34
C SER A 125 22.75 -5.66 -7.13
N ILE A 126 21.43 -5.77 -7.24
CA ILE A 126 20.53 -5.25 -6.24
C ILE A 126 20.72 -6.05 -4.95
N GLY A 127 21.02 -7.34 -5.12
CA GLY A 127 21.16 -8.24 -3.98
C GLY A 127 22.44 -8.00 -3.23
N GLU A 128 23.45 -7.49 -3.93
CA GLU A 128 24.66 -6.99 -3.29
C GLU A 128 24.29 -5.77 -2.45
N ALA A 129 23.58 -4.84 -3.06
CA ALA A 129 23.20 -3.64 -2.33
C ALA A 129 22.49 -4.07 -1.05
N ILE A 130 21.57 -5.03 -1.19
CA ILE A 130 20.73 -5.45 -0.06
C ILE A 130 21.50 -6.33 0.90
N GLN A 131 22.42 -7.12 0.35
CA GLN A 131 23.24 -7.99 1.18
C GLN A 131 24.12 -7.13 2.05
N TYR A 132 24.61 -6.03 1.49
CA TYR A 132 25.48 -5.14 2.24
C TYR A 132 24.71 -4.62 3.43
N LEU A 133 23.50 -4.13 3.16
CA LEU A 133 22.71 -3.46 4.19
C LEU A 133 22.37 -4.40 5.34
N HIS A 134 21.86 -5.57 5.00
CA HIS A 134 21.36 -6.48 6.01
C HIS A 134 22.52 -6.90 6.90
N SER A 135 23.68 -7.11 6.29
CA SER A 135 24.82 -7.62 7.02
C SER A 135 25.29 -6.66 8.11
N ILE A 136 25.21 -5.35 7.86
CA ILE A 136 25.49 -4.37 8.93
C ILE A 136 24.21 -3.93 9.62
N ASN A 137 23.14 -4.70 9.38
CA ASN A 137 21.88 -4.62 10.11
C ASN A 137 20.92 -3.49 9.77
N ILE A 138 20.93 -3.07 8.50
CA ILE A 138 20.01 -2.06 8.04
C ILE A 138 19.02 -2.66 7.02
N ALA A 139 17.72 -2.35 7.17
CA ALA A 139 16.74 -2.65 6.13
C ALA A 139 16.37 -1.39 5.36
N HIS A 140 16.36 -1.47 4.03
CA HIS A 140 15.95 -0.32 3.23
C HIS A 140 14.43 -0.15 3.36
N ARG A 141 13.68 -1.19 3.03
CA ARG A 141 12.23 -1.21 3.24
C ARG A 141 11.50 -0.35 2.22
N ASP A 142 12.13 -0.09 1.08
CA ASP A 142 11.47 0.65 0.03
C ASP A 142 12.15 0.40 -1.31
N VAL A 143 12.53 -0.84 -1.53
CA VAL A 143 13.19 -1.20 -2.78
C VAL A 143 12.16 -1.38 -3.89
N LYS A 144 12.05 -0.39 -4.76
CA LYS A 144 11.15 -0.48 -5.90
C LYS A 144 11.76 0.16 -7.16
N PRO A 145 11.03 0.22 -8.27
CA PRO A 145 11.65 0.73 -9.50
C PRO A 145 12.21 2.16 -9.44
N GLU A 146 11.49 3.09 -8.84
CA GLU A 146 11.92 4.49 -8.83
C GLU A 146 13.12 4.75 -7.92
N ASN A 147 13.71 3.70 -7.37
CA ASN A 147 14.82 3.87 -6.46
C ASN A 147 15.99 3.04 -6.93
N LEU A 148 15.91 2.59 -8.17
CA LEU A 148 17.01 1.90 -8.79
C LEU A 148 17.35 2.66 -10.05
N LEU A 149 18.47 3.37 -9.98
CA LEU A 149 18.83 4.31 -11.03
C LEU A 149 20.24 3.97 -11.52
N TYR A 150 20.55 4.38 -12.74
CA TYR A 150 21.85 4.14 -13.35
C TYR A 150 22.74 5.37 -13.26
N THR A 151 24.05 5.14 -13.27
CA THR A 151 25.03 6.19 -13.07
C THR A 151 25.43 6.88 -14.36
N SER A 152 24.62 6.73 -15.39
CA SER A 152 24.92 7.31 -16.70
C SER A 152 24.08 6.63 -17.77
N LYS A 153 24.10 7.20 -18.98
CA LYS A 153 23.35 6.67 -20.11
C LYS A 153 24.21 5.75 -20.98
N ARG A 154 25.46 5.56 -20.55
CA ARG A 154 26.40 4.69 -21.24
C ARG A 154 26.28 3.23 -20.78
N PRO A 155 26.79 2.28 -21.58
CA PRO A 155 26.82 0.84 -21.25
C PRO A 155 27.63 0.49 -20.00
N ASN A 156 28.65 1.28 -19.72
CA ASN A 156 29.50 1.02 -18.56
C ASN A 156 28.85 1.54 -17.28
N ALA A 157 27.54 1.74 -17.31
CA ALA A 157 26.83 2.36 -16.19
C ALA A 157 26.54 1.37 -15.05
N ILE A 158 26.74 1.84 -13.81
CA ILE A 158 26.50 1.04 -12.62
C ILE A 158 25.08 1.25 -12.07
N LEU A 159 24.43 0.18 -11.61
CA LEU A 159 23.11 0.34 -11.02
C LEU A 159 23.18 0.66 -9.53
N LYS A 160 22.50 1.72 -9.11
CA LYS A 160 22.57 2.19 -7.72
C LYS A 160 21.21 2.28 -7.04
N LEU A 161 21.21 2.01 -5.74
CA LEU A 161 20.01 2.02 -4.92
C LEU A 161 19.98 3.30 -4.09
N THR A 162 18.85 3.99 -4.14
CA THR A 162 18.76 5.32 -3.54
C THR A 162 17.62 5.36 -2.52
N ASP A 163 17.52 6.50 -1.84
CA ASP A 163 16.36 6.89 -1.05
C ASP A 163 16.12 6.10 0.20
N PHE A 164 16.63 6.61 1.33
CA PHE A 164 16.56 5.88 2.59
C PHE A 164 15.47 6.39 3.52
N GLY A 165 14.50 7.08 2.93
CA GLY A 165 13.47 7.73 3.72
C GLY A 165 12.82 6.76 4.68
N PHE A 166 12.84 5.49 4.31
CA PHE A 166 12.16 4.46 5.09
C PHE A 166 13.13 3.51 5.75
N ALA A 167 14.42 3.62 5.46
CA ALA A 167 15.36 2.64 6.00
C ALA A 167 15.37 2.73 7.50
N LYS A 168 15.82 1.67 8.13
CA LYS A 168 15.88 1.63 9.58
C LYS A 168 16.74 0.44 10.02
N GLU A 169 17.36 0.57 11.19
CA GLU A 169 18.13 -0.56 11.67
C GLU A 169 17.21 -1.53 12.36
N THR A 170 17.61 -2.79 12.30
CA THR A 170 16.75 -3.87 12.75
C THR A 170 17.64 -4.87 13.49
N THR A 171 17.03 -5.93 13.99
CA THR A 171 17.76 -6.95 14.71
C THR A 171 18.16 -8.06 13.76
N SER A 172 19.45 -8.38 13.72
CA SER A 172 19.90 -9.57 13.01
C SER A 172 19.51 -10.76 13.87
N HIS A 173 18.51 -11.51 13.41
CA HIS A 173 17.90 -12.51 14.27
C HIS A 173 17.41 -13.69 13.44
N ASN A 174 18.24 -14.72 13.40
CA ASN A 174 17.91 -15.98 12.72
C ASN A 174 16.52 -16.46 13.12
N SER A 175 15.78 -16.97 12.13
CA SER A 175 14.33 -17.05 12.20
C SER A 175 13.76 -18.46 12.38
N LEU A 176 12.54 -18.50 12.92
CA LEU A 176 11.80 -19.75 13.05
C LEU A 176 11.65 -20.44 11.69
N THR A 177 12.34 -21.56 11.55
CA THR A 177 12.19 -22.42 10.38
C THR A 177 10.90 -23.22 10.59
N THR A 178 9.77 -22.64 10.16
CA THR A 178 8.46 -23.01 10.69
C THR A 178 8.06 -24.44 10.29
N PRO A 179 7.70 -25.27 11.29
CA PRO A 179 7.66 -26.75 11.21
C PRO A 179 6.58 -27.39 10.31
N CYS A 180 6.80 -28.66 9.97
CA CYS A 180 6.03 -29.33 8.93
C CYS A 180 4.64 -29.80 9.36
N TYR A 181 4.47 -30.07 10.65
CA TYR A 181 3.21 -30.54 11.19
C TYR A 181 2.67 -29.50 12.17
N THR A 182 1.40 -29.12 12.04
CA THR A 182 0.84 -28.09 12.93
C THR A 182 -0.65 -28.25 13.20
N PRO A 183 -1.09 -27.82 14.38
CA PRO A 183 -2.50 -27.96 14.80
C PRO A 183 -3.43 -27.31 13.81
N TYR A 184 -4.69 -27.73 13.84
CA TYR A 184 -5.73 -27.12 13.04
C TYR A 184 -5.98 -25.71 13.54
N TYR A 185 -5.87 -25.54 14.85
CA TYR A 185 -6.26 -24.29 15.52
C TYR A 185 -5.19 -23.21 15.44
N VAL A 186 -5.63 -21.95 15.46
CA VAL A 186 -4.74 -20.80 15.28
C VAL A 186 -4.01 -20.41 16.57
N ALA A 187 -2.68 -20.38 16.50
CA ALA A 187 -1.82 -20.07 17.64
C ALA A 187 -1.91 -18.62 18.12
N PRO A 188 -1.48 -18.36 19.36
CA PRO A 188 -1.40 -16.96 19.80
C PRO A 188 -0.27 -16.24 19.05
N GLU A 189 -0.56 -15.04 18.56
CA GLU A 189 0.48 -14.27 17.90
C GLU A 189 1.45 -13.74 18.94
N VAL A 190 2.73 -13.99 18.69
CA VAL A 190 3.83 -13.36 19.43
C VAL A 190 4.26 -12.09 18.69
N LEU A 191 3.94 -10.93 19.24
CA LEU A 191 4.24 -9.69 18.52
C LEU A 191 5.72 -9.44 18.50
N GLY A 192 6.20 -9.07 17.32
CA GLY A 192 7.62 -8.85 17.11
C GLY A 192 7.75 -8.19 15.75
N PRO A 193 7.50 -6.88 15.67
CA PRO A 193 7.46 -6.14 14.41
C PRO A 193 8.76 -6.21 13.63
N GLU A 194 9.87 -6.48 14.29
CA GLU A 194 11.15 -6.35 13.60
C GLU A 194 11.28 -7.45 12.56
N LYS A 195 10.23 -8.25 12.42
CA LYS A 195 10.29 -9.39 11.52
C LYS A 195 9.89 -8.97 10.12
N TYR A 196 9.28 -7.80 10.00
CA TYR A 196 8.90 -7.24 8.69
C TYR A 196 9.97 -6.35 8.04
N ASP A 197 11.11 -6.20 8.70
CA ASP A 197 12.12 -5.25 8.24
C ASP A 197 12.86 -5.86 7.07
N LYS A 198 13.86 -6.69 7.33
CA LYS A 198 14.64 -7.29 6.24
C LYS A 198 13.76 -8.03 5.26
N SER A 199 12.70 -8.65 5.79
CA SER A 199 11.81 -9.51 5.01
C SER A 199 11.08 -8.74 3.90
N CYS A 200 11.09 -7.43 4.02
CA CYS A 200 10.42 -6.55 3.10
C CYS A 200 11.29 -6.33 1.84
N ASP A 201 12.60 -6.43 2.00
CA ASP A 201 13.54 -6.20 0.90
C ASP A 201 13.63 -7.46 0.09
N MET A 202 13.40 -8.58 0.76
CA MET A 202 13.37 -9.86 0.07
C MET A 202 12.12 -9.94 -0.77
N TRP A 203 10.98 -9.55 -0.22
CA TRP A 203 9.79 -9.47 -1.03
C TRP A 203 9.99 -8.54 -2.23
N SER A 204 10.60 -7.38 -1.99
CA SER A 204 10.91 -6.46 -3.08
C SER A 204 11.70 -7.17 -4.17
N LEU A 205 12.77 -7.82 -3.73
CA LEU A 205 13.70 -8.52 -4.61
C LEU A 205 12.91 -9.45 -5.52
N GLY A 206 12.01 -10.22 -4.92
CA GLY A 206 11.13 -11.07 -5.69
C GLY A 206 10.34 -10.31 -6.75
N VAL A 207 9.60 -9.28 -6.34
CA VAL A 207 8.68 -8.60 -7.27
C VAL A 207 9.39 -7.96 -8.45
N ILE A 208 10.56 -7.38 -8.20
CA ILE A 208 11.32 -6.78 -9.28
C ILE A 208 11.84 -7.84 -10.23
N MET A 209 12.45 -8.88 -9.66
CA MET A 209 12.96 -9.98 -10.46
C MET A 209 11.87 -10.51 -11.37
N TYR A 210 10.64 -10.50 -10.88
CA TYR A 210 9.53 -10.99 -11.66
C TYR A 210 9.21 -10.08 -12.85
N ILE A 211 9.13 -8.78 -12.59
CA ILE A 211 8.92 -7.83 -13.67
C ILE A 211 10.06 -7.94 -14.67
N LEU A 212 11.27 -8.09 -14.16
CA LEU A 212 12.46 -8.17 -14.99
C LEU A 212 12.38 -9.25 -16.06
N LEU A 213 11.71 -10.35 -15.74
CA LEU A 213 11.67 -11.52 -16.63
C LEU A 213 10.41 -11.62 -17.49
N CYS A 214 9.52 -10.63 -17.39
CA CYS A 214 8.32 -10.65 -18.20
C CYS A 214 7.76 -9.27 -18.52
N GLY A 215 8.08 -8.29 -17.69
CA GLY A 215 7.65 -6.93 -17.97
C GLY A 215 6.31 -6.59 -17.35
N TYR A 216 5.79 -7.47 -16.51
CA TYR A 216 4.57 -7.16 -15.76
C TYR A 216 4.59 -7.78 -14.36
N PRO A 217 3.92 -7.13 -13.40
CA PRO A 217 3.99 -7.51 -11.99
C PRO A 217 3.36 -8.85 -11.70
N PRO A 218 3.76 -9.48 -10.60
CA PRO A 218 3.06 -10.67 -10.12
C PRO A 218 1.70 -10.33 -9.50
N PHE A 219 1.28 -9.07 -9.57
CA PHE A 219 0.05 -8.66 -8.91
C PHE A 219 -1.18 -9.23 -9.59
N TYR A 220 -2.27 -9.29 -8.83
CA TYR A 220 -3.59 -9.58 -9.37
C TYR A 220 -4.14 -8.34 -10.04
N SER A 221 -5.32 -8.48 -10.63
CA SER A 221 -6.05 -7.37 -11.23
C SER A 221 -7.38 -7.16 -10.50
N ASN A 222 -7.87 -5.92 -10.54
CA ASN A 222 -9.16 -5.58 -9.96
C ASN A 222 -10.32 -6.28 -10.64
N HIS A 223 -10.26 -6.37 -11.97
CA HIS A 223 -11.41 -6.81 -12.79
C HIS A 223 -11.74 -8.30 -12.66
N GLY A 224 -10.94 -9.06 -11.92
CA GLY A 224 -11.23 -10.47 -11.75
C GLY A 224 -10.17 -11.36 -12.38
N LEU A 225 -10.47 -12.66 -12.53
CA LEU A 225 -9.47 -13.65 -12.98
C LEU A 225 -8.97 -13.42 -14.41
N ARG A 234 -4.67 -12.22 -23.43
CA ARG A 234 -3.82 -11.06 -23.17
C ARG A 234 -3.53 -10.88 -21.67
N ILE A 235 -2.99 -11.91 -21.03
CA ILE A 235 -2.66 -11.83 -19.60
C ILE A 235 -1.52 -10.84 -19.31
N ARG A 236 -1.85 -9.73 -18.63
CA ARG A 236 -0.81 -8.84 -18.10
C ARG A 236 -0.86 -8.73 -16.56
N MET A 237 -1.22 -9.83 -15.89
CA MET A 237 -1.06 -9.92 -14.45
C MET A 237 -0.92 -11.37 -14.00
N GLY A 238 0.29 -11.76 -13.61
CA GLY A 238 0.45 -13.08 -13.04
C GLY A 238 -0.30 -13.17 -11.73
N GLN A 239 -1.21 -14.13 -11.61
CA GLN A 239 -1.91 -14.32 -10.34
C GLN A 239 -0.94 -14.97 -9.36
N TYR A 240 0.28 -14.44 -9.30
CA TYR A 240 1.41 -15.14 -8.69
C TYR A 240 1.70 -16.46 -9.42
N GLU A 241 1.38 -16.46 -10.71
CA GLU A 241 1.67 -17.56 -11.63
C GLU A 241 2.53 -17.06 -12.79
N PHE A 242 2.97 -17.98 -13.64
CA PHE A 242 3.95 -17.66 -14.67
C PHE A 242 3.38 -17.90 -16.06
N PRO A 243 2.58 -16.96 -16.57
CA PRO A 243 1.80 -17.09 -17.82
C PRO A 243 2.64 -17.23 -19.10
N ASN A 244 2.43 -18.31 -19.86
CA ASN A 244 3.09 -18.47 -21.16
C ASN A 244 2.56 -17.45 -22.15
N PRO A 245 3.40 -16.97 -23.09
CA PRO A 245 4.72 -17.41 -23.56
C PRO A 245 5.94 -16.91 -22.76
N GLU A 246 5.80 -15.79 -22.08
CA GLU A 246 6.97 -15.14 -21.50
C GLU A 246 7.64 -16.10 -20.54
N TRP A 247 6.85 -16.77 -19.71
CA TRP A 247 7.38 -17.65 -18.69
C TRP A 247 7.56 -19.07 -19.18
N SER A 248 7.34 -19.26 -20.48
CA SER A 248 7.47 -20.57 -21.12
C SER A 248 8.93 -20.98 -21.17
N GLU A 249 9.78 -20.01 -21.50
CA GLU A 249 11.18 -20.29 -21.71
C GLU A 249 11.97 -20.18 -20.42
N VAL A 250 11.58 -19.24 -19.56
CA VAL A 250 12.29 -19.01 -18.30
C VAL A 250 12.40 -20.31 -17.50
N SER A 251 13.61 -20.63 -17.05
CA SER A 251 13.84 -21.88 -16.30
C SER A 251 12.85 -22.05 -15.17
N GLU A 252 12.62 -23.30 -14.78
CA GLU A 252 11.72 -23.51 -13.65
C GLU A 252 12.46 -23.34 -12.32
N GLU A 253 13.77 -23.19 -12.37
CA GLU A 253 14.54 -22.98 -11.16
C GLU A 253 14.36 -21.52 -10.74
N VAL A 254 14.31 -20.65 -11.74
CA VAL A 254 14.07 -19.24 -11.48
C VAL A 254 12.73 -19.09 -10.80
N LYS A 255 11.76 -19.86 -11.27
CA LYS A 255 10.42 -19.73 -10.74
C LYS A 255 10.39 -20.09 -9.27
N MET A 256 11.07 -21.17 -8.91
CA MET A 256 11.13 -21.58 -7.51
C MET A 256 11.69 -20.43 -6.65
N LEU A 257 12.57 -19.63 -7.24
CA LEU A 257 13.20 -18.49 -6.57
C LEU A 257 12.16 -17.41 -6.27
N ILE A 258 11.59 -16.87 -7.34
CA ILE A 258 10.52 -15.90 -7.21
C ILE A 258 9.52 -16.29 -6.12
N ARG A 259 9.24 -17.58 -6.04
CA ARG A 259 8.27 -18.12 -5.11
C ARG A 259 8.74 -18.14 -3.64
N ASN A 260 10.01 -18.41 -3.40
CA ASN A 260 10.53 -18.43 -2.02
C ASN A 260 10.67 -16.99 -1.55
N LEU A 261 10.79 -16.08 -2.51
CA LEU A 261 10.94 -14.68 -2.16
C LEU A 261 9.56 -14.10 -1.90
N LEU A 262 8.55 -14.57 -2.61
CA LEU A 262 7.22 -14.00 -2.44
C LEU A 262 6.39 -14.78 -1.42
N LYS A 263 7.03 -15.68 -0.68
CA LYS A 263 6.33 -16.40 0.38
C LYS A 263 5.60 -15.39 1.27
N THR A 264 4.33 -15.66 1.52
CA THR A 264 3.43 -14.73 2.19
C THR A 264 3.95 -14.48 3.61
N GLU A 265 4.63 -15.48 4.15
CA GLU A 265 5.01 -15.46 5.56
C GLU A 265 6.41 -14.87 5.78
N PRO A 266 6.51 -13.80 6.59
CA PRO A 266 7.77 -13.08 6.77
C PRO A 266 8.94 -13.94 7.27
N THR A 267 8.69 -14.77 8.28
CA THR A 267 9.76 -15.62 8.82
C THR A 267 10.11 -16.77 7.89
N GLN A 268 9.12 -17.25 7.16
CA GLN A 268 9.28 -18.45 6.33
C GLN A 268 10.01 -18.04 5.04
N ARG A 269 10.00 -16.75 4.72
CA ARG A 269 10.42 -16.25 3.42
C ARG A 269 11.95 -16.18 3.24
N MET A 270 12.41 -16.17 2.00
CA MET A 270 13.84 -16.35 1.75
C MET A 270 14.67 -15.19 2.33
N THR A 271 15.85 -15.52 2.87
CA THR A 271 16.75 -14.49 3.37
C THR A 271 17.87 -14.25 2.36
N ILE A 272 18.42 -13.04 2.39
CA ILE A 272 19.34 -12.54 1.39
C ILE A 272 20.58 -13.38 1.18
N THR A 273 21.08 -14.06 2.20
CA THR A 273 22.28 -14.86 1.96
C THR A 273 21.89 -16.18 1.27
N GLU A 274 20.72 -16.73 1.61
CA GLU A 274 20.16 -17.86 0.90
C GLU A 274 19.95 -17.46 -0.56
N PHE A 275 19.72 -16.18 -0.76
CA PHE A 275 19.46 -15.64 -2.09
C PHE A 275 20.75 -15.52 -2.87
N MET A 276 21.75 -14.91 -2.25
CA MET A 276 23.05 -14.72 -2.87
C MET A 276 23.77 -16.04 -3.15
N ASN A 277 23.40 -17.11 -2.44
CA ASN A 277 23.91 -18.45 -2.73
C ASN A 277 23.15 -19.09 -3.89
N HIS A 278 21.86 -18.83 -4.00
CA HIS A 278 21.12 -19.42 -5.09
C HIS A 278 21.95 -19.33 -6.36
N PRO A 279 22.02 -20.44 -7.11
CA PRO A 279 22.86 -20.61 -8.31
C PRO A 279 22.56 -19.62 -9.44
N TRP A 280 21.31 -19.16 -9.52
CA TRP A 280 20.90 -18.28 -10.60
C TRP A 280 21.43 -16.87 -10.38
N ILE A 281 21.99 -16.64 -9.20
CA ILE A 281 22.53 -15.36 -8.87
C ILE A 281 24.02 -15.51 -8.78
N MET A 282 24.44 -16.37 -7.86
CA MET A 282 25.85 -16.66 -7.67
C MET A 282 26.52 -16.98 -8.99
N GLN A 283 26.11 -18.07 -9.62
CA GLN A 283 26.61 -18.44 -10.94
C GLN A 283 25.94 -17.59 -12.02
N SER A 284 25.86 -16.30 -11.77
CA SER A 284 25.18 -15.38 -12.69
C SER A 284 25.64 -15.58 -14.12
N THR A 285 26.77 -16.23 -14.30
CA THR A 285 27.49 -16.16 -15.56
C THR A 285 27.33 -17.38 -16.47
N LYS A 286 27.14 -18.55 -15.89
CA LYS A 286 26.79 -19.72 -16.68
C LYS A 286 25.26 -19.80 -16.82
N VAL A 287 24.59 -18.69 -16.55
CA VAL A 287 23.12 -18.60 -16.57
C VAL A 287 22.58 -18.67 -17.99
N PRO A 288 21.58 -19.54 -18.20
CA PRO A 288 20.92 -19.66 -19.50
C PRO A 288 20.74 -18.26 -20.11
N GLN A 289 20.99 -18.14 -21.40
CA GLN A 289 21.10 -16.83 -22.01
C GLN A 289 19.86 -16.40 -22.79
N THR A 290 18.79 -17.19 -22.66
CA THR A 290 17.53 -16.92 -23.34
C THR A 290 17.12 -15.45 -23.28
N PRO A 291 16.57 -14.91 -24.39
CA PRO A 291 15.92 -13.59 -24.44
C PRO A 291 14.60 -13.55 -23.67
N LEU A 292 14.10 -12.34 -23.42
CA LEU A 292 12.87 -12.17 -22.68
C LEU A 292 11.99 -11.08 -23.28
N HIS A 293 10.68 -11.20 -23.06
CA HIS A 293 9.71 -10.31 -23.67
C HIS A 293 9.69 -8.96 -22.95
N THR A 294 10.56 -8.79 -21.96
CA THR A 294 10.47 -7.65 -21.06
C THR A 294 10.46 -6.33 -21.82
N SER A 295 11.51 -6.09 -22.58
CA SER A 295 11.69 -4.83 -23.30
C SER A 295 10.45 -4.45 -24.12
N ARG A 296 9.80 -5.46 -24.69
CA ARG A 296 8.69 -5.27 -25.63
C ARG A 296 7.41 -4.90 -24.89
N VAL A 297 7.06 -5.75 -23.93
CA VAL A 297 5.91 -5.54 -23.06
C VAL A 297 5.98 -4.20 -22.36
N LEU A 298 7.14 -3.84 -21.86
CA LEU A 298 7.28 -2.58 -21.15
C LEU A 298 6.90 -1.45 -22.09
N LYS A 299 7.37 -1.53 -23.33
CA LYS A 299 6.90 -0.65 -24.39
C LYS A 299 5.35 -0.60 -24.42
N GLU A 300 4.76 -1.76 -24.69
CA GLU A 300 3.30 -1.94 -24.84
C GLU A 300 2.37 -0.82 -24.37
N ASP A 301 1.96 -0.84 -23.11
CA ASP A 301 1.17 0.26 -22.57
C ASP A 301 1.99 1.05 -21.56
N LYS A 302 2.16 2.33 -21.80
CA LYS A 302 2.98 3.18 -20.97
C LYS A 302 2.31 3.33 -19.62
N GLU A 303 1.08 3.83 -19.63
CA GLU A 303 0.40 4.17 -18.39
C GLU A 303 0.19 2.99 -17.46
N ARG A 304 0.15 1.79 -18.02
CA ARG A 304 0.01 0.56 -17.24
C ARG A 304 1.23 0.39 -16.33
N TRP A 305 2.41 0.76 -16.80
CA TRP A 305 3.56 0.75 -15.93
C TRP A 305 3.25 1.65 -14.74
N GLU A 306 2.83 2.88 -15.01
CA GLU A 306 2.47 3.81 -13.95
C GLU A 306 1.60 3.21 -12.85
N ASP A 307 0.76 2.22 -13.21
CA ASP A 307 -0.09 1.56 -12.24
C ASP A 307 0.67 0.47 -11.51
N VAL A 308 1.63 -0.16 -12.19
CA VAL A 308 2.52 -1.10 -11.55
C VAL A 308 3.24 -0.40 -10.40
N LYS A 309 3.68 0.82 -10.66
CA LYS A 309 4.48 1.54 -9.69
C LYS A 309 3.63 1.99 -8.52
N GLU A 310 2.38 2.36 -8.78
CA GLU A 310 1.53 2.84 -7.71
C GLU A 310 1.19 1.71 -6.75
N GLU A 311 0.97 0.52 -7.27
CA GLU A 311 0.57 -0.59 -6.42
C GLU A 311 1.75 -1.21 -5.72
N MET A 312 2.91 -1.22 -6.38
CA MET A 312 4.08 -1.74 -5.71
C MET A 312 4.27 -0.92 -4.45
N THR A 313 4.03 0.37 -4.58
CA THR A 313 4.30 1.30 -3.49
C THR A 313 3.32 1.14 -2.33
N SER A 314 2.09 0.76 -2.66
CA SER A 314 1.03 0.65 -1.67
C SER A 314 1.23 -0.68 -0.97
N ALA A 315 1.63 -1.68 -1.74
CA ALA A 315 1.92 -2.99 -1.19
C ALA A 315 3.10 -2.95 -0.22
N LEU A 316 4.15 -2.21 -0.58
CA LEU A 316 5.30 -2.09 0.30
C LEU A 316 4.84 -1.46 1.60
N ALA A 317 3.78 -0.67 1.49
CA ALA A 317 3.37 0.17 2.59
C ALA A 317 2.68 -0.66 3.66
N THR A 318 2.03 -1.72 3.22
CA THR A 318 1.42 -2.66 4.16
C THR A 318 2.37 -3.76 4.61
N MET A 319 3.30 -4.13 3.75
CA MET A 319 4.29 -5.12 4.11
C MET A 319 5.30 -4.67 5.18
N ARG A 320 5.38 -3.37 5.44
CA ARG A 320 6.34 -2.85 6.42
C ARG A 320 5.67 -2.05 7.50
N VAL A 321 6.35 -1.96 8.63
CA VAL A 321 5.79 -1.35 9.84
C VAL A 321 6.10 0.15 9.97
N ASP A 322 5.04 0.95 10.11
CA ASP A 322 5.21 2.37 10.39
C ASP A 322 5.39 2.50 11.90
N TYR A 323 6.63 2.68 12.33
CA TYR A 323 6.94 2.81 13.75
C TYR A 323 6.55 4.19 14.25
N GLU A 324 6.11 5.04 13.33
CA GLU A 324 5.75 6.41 13.68
C GLU A 324 4.25 6.55 13.84
N GLN A 325 3.61 5.52 14.37
CA GLN A 325 2.14 5.48 14.47
C GLN A 325 1.72 5.42 15.92
N ILE A 326 0.48 5.84 16.18
CA ILE A 326 -0.02 5.97 17.55
C ILE A 326 -0.38 4.59 18.05
N LYS A 327 -0.32 4.38 19.37
CA LYS A 327 -0.86 3.14 19.93
C LYS A 327 -2.24 3.45 20.45
N ILE A 328 -3.09 2.43 20.56
CA ILE A 328 -4.44 2.66 21.03
C ILE A 328 -4.39 2.60 22.54
N LYS A 329 -5.11 3.49 23.20
CA LYS A 329 -5.16 3.43 24.65
C LYS A 329 -5.72 2.07 25.03
N LYS A 330 -5.48 1.62 26.26
CA LYS A 330 -6.24 0.49 26.77
C LYS A 330 -7.67 0.98 26.64
N ILE A 331 -8.61 0.09 26.40
CA ILE A 331 -9.94 0.56 25.99
C ILE A 331 -10.54 1.48 27.05
N GLU A 332 -10.41 1.10 28.32
CA GLU A 332 -10.96 1.88 29.42
C GLU A 332 -10.40 3.29 29.53
N ASP A 333 -9.13 3.43 29.19
CA ASP A 333 -8.48 4.73 29.18
C ASP A 333 -8.92 5.63 28.04
N ALA A 334 -9.83 5.14 27.20
CA ALA A 334 -10.21 5.88 26.01
C ALA A 334 -11.48 6.66 26.28
N SER A 335 -11.64 7.75 25.55
CA SER A 335 -12.87 8.54 25.58
C SER A 335 -13.07 9.16 24.21
N ASN A 336 -14.32 9.16 23.77
CA ASN A 336 -14.68 9.93 22.58
C ASN A 336 -16.19 10.03 22.56
N PRO A 337 -16.73 10.82 21.61
CA PRO A 337 -18.18 11.09 21.54
C PRO A 337 -19.07 9.85 21.56
N LEU A 338 -18.95 9.00 20.55
CA LEU A 338 -19.74 7.76 20.49
C LEU A 338 -19.50 6.95 21.76
N LEU A 339 -18.22 6.83 22.15
CA LEU A 339 -17.86 6.04 23.31
C LEU A 339 -18.51 6.57 24.58
N LEU A 340 -18.81 7.86 24.61
CA LEU A 340 -19.42 8.46 25.79
C LEU A 340 -20.94 8.40 25.73
N LYS A 341 -21.50 8.29 24.54
CA LYS A 341 -22.93 8.12 24.40
C LYS A 341 -23.31 6.72 24.84
N ARG A 342 -22.55 5.74 24.37
CA ARG A 342 -22.90 4.35 24.59
C ARG A 342 -22.66 3.96 26.05
N ARG A 343 -21.47 4.27 26.56
CA ARG A 343 -21.14 3.99 27.95
C ARG A 343 -22.17 4.59 28.89
N LYS A 344 -22.66 5.78 28.53
CA LYS A 344 -23.72 6.42 29.29
C LYS A 344 -24.90 5.48 29.43
N LYS A 345 -25.41 5.00 28.31
CA LYS A 345 -26.62 4.20 28.30
C LYS A 345 -26.39 2.74 28.71
N ALA A 346 -25.14 2.39 29.00
CA ALA A 346 -24.78 1.00 29.30
C ALA A 346 -24.71 0.69 30.81
N PRO B 12 -7.58 33.96 -3.80
CA PRO B 12 -8.00 33.13 -2.64
C PRO B 12 -6.91 32.10 -2.28
N THR B 13 -5.89 32.57 -1.56
CA THR B 13 -4.53 32.47 -2.06
C THR B 13 -3.67 31.32 -1.55
N PHE B 14 -2.80 30.82 -2.42
CA PHE B 14 -2.07 29.57 -2.20
C PHE B 14 -0.59 29.78 -1.86
N TYR B 15 0.24 28.80 -2.18
CA TYR B 15 1.69 28.89 -2.02
C TYR B 15 2.35 27.56 -2.37
N ARG B 16 3.24 27.59 -3.36
CA ARG B 16 3.90 26.37 -3.83
C ARG B 16 4.86 25.79 -2.77
N GLN B 17 4.99 24.48 -2.76
CA GLN B 17 5.91 23.78 -1.87
C GLN B 17 6.29 22.46 -2.53
N GLU B 18 7.47 21.94 -2.23
CA GLU B 18 7.87 20.68 -2.85
C GLU B 18 7.66 19.51 -1.95
N LEU B 19 6.58 18.77 -2.23
CA LEU B 19 6.23 17.60 -1.45
C LEU B 19 5.97 16.40 -2.36
N ASN B 20 6.51 15.26 -2.00
CA ASN B 20 6.13 13.98 -2.59
C ASN B 20 6.24 13.95 -4.10
N LYS B 21 7.41 14.33 -4.58
CA LYS B 21 7.71 14.28 -6.01
C LYS B 21 6.66 15.04 -6.77
N THR B 22 5.92 15.88 -6.07
CA THR B 22 5.00 16.75 -6.76
C THR B 22 5.28 18.19 -6.49
N ILE B 23 4.27 19.01 -6.77
CA ILE B 23 4.28 20.43 -6.54
C ILE B 23 2.94 20.82 -5.93
N TRP B 24 2.99 21.16 -4.65
CA TRP B 24 1.81 21.39 -3.85
C TRP B 24 1.52 22.88 -3.70
N GLU B 25 0.61 23.40 -4.53
CA GLU B 25 0.06 24.72 -4.26
C GLU B 25 -1.25 24.55 -3.52
N VAL B 26 -1.32 25.06 -2.30
CA VAL B 26 -2.53 24.90 -1.51
C VAL B 26 -2.85 26.17 -0.73
N PRO B 27 -4.13 26.36 -0.40
CA PRO B 27 -4.59 27.52 0.36
C PRO B 27 -3.73 27.76 1.59
N GLU B 28 -3.70 29.00 2.04
CA GLU B 28 -2.78 29.45 3.08
C GLU B 28 -3.21 29.03 4.49
N ARG B 29 -4.42 28.53 4.60
CA ARG B 29 -4.93 28.14 5.90
C ARG B 29 -4.23 26.89 6.39
N TYR B 30 -3.72 26.11 5.45
CA TYR B 30 -3.05 24.84 5.79
C TYR B 30 -1.53 24.99 5.80
N GLN B 31 -0.98 24.96 7.01
CA GLN B 31 0.46 25.15 7.24
C GLN B 31 1.15 23.82 7.56
N ASN B 32 2.48 23.81 7.52
CA ASN B 32 3.24 22.71 8.10
C ASN B 32 3.05 21.38 7.38
N LEU B 33 2.88 21.42 6.06
CA LEU B 33 2.63 20.21 5.34
C LEU B 33 3.81 19.28 5.56
N SER B 34 3.57 18.21 6.33
CA SER B 34 4.57 17.16 6.50
C SER B 34 4.08 15.85 5.90
N PRO B 35 4.69 15.41 4.78
CA PRO B 35 4.26 14.21 4.05
C PRO B 35 4.03 13.01 4.96
N VAL B 36 3.05 12.19 4.59
CA VAL B 36 2.72 10.97 5.31
C VAL B 36 2.13 9.90 4.37
N GLY B 37 2.04 8.67 4.85
CA GLY B 37 1.58 7.57 4.00
C GLY B 37 2.57 7.18 2.91
N SER B 38 2.24 6.09 2.22
CA SER B 38 3.06 5.60 1.12
C SER B 38 3.18 6.58 -0.05
N GLY B 39 2.16 7.40 -0.25
CA GLY B 39 2.09 8.20 -1.45
C GLY B 39 1.62 7.37 -2.62
N ALA B 40 0.91 6.28 -2.30
CA ALA B 40 0.47 5.31 -3.30
C ALA B 40 -0.57 5.89 -4.23
N TYR B 41 -1.75 6.13 -3.70
CA TYR B 41 -2.87 6.52 -4.54
C TYR B 41 -3.36 7.94 -4.23
N GLY B 42 -2.66 8.92 -4.79
CA GLY B 42 -2.65 10.23 -4.18
C GLY B 42 -1.69 10.21 -3.00
N SER B 43 -0.96 11.31 -2.83
CA SER B 43 -0.07 11.46 -1.71
C SER B 43 -0.76 12.27 -0.65
N VAL B 44 -0.37 12.04 0.61
CA VAL B 44 -1.00 12.73 1.73
C VAL B 44 -0.01 13.54 2.58
N CYS B 45 -0.44 14.69 3.09
CA CYS B 45 0.38 15.44 4.04
C CYS B 45 -0.41 15.84 5.29
N ALA B 46 0.19 15.64 6.45
CA ALA B 46 -0.46 16.10 7.66
C ALA B 46 -0.40 17.62 7.61
N ALA B 47 -1.11 18.29 8.50
CA ALA B 47 -1.15 19.74 8.46
C ALA B 47 -1.81 20.32 9.69
N PHE B 48 -1.56 21.61 9.89
CA PHE B 48 -2.30 22.42 10.84
C PHE B 48 -3.19 23.36 10.03
N ASP B 49 -4.48 23.38 10.37
CA ASP B 49 -5.41 24.26 9.70
C ASP B 49 -5.73 25.51 10.51
N THR B 50 -5.10 26.63 10.16
CA THR B 50 -5.18 27.83 10.98
C THR B 50 -6.63 28.22 11.21
N LYS B 51 -7.37 28.31 10.10
CA LYS B 51 -8.74 28.80 10.11
C LYS B 51 -9.65 28.03 11.08
N THR B 52 -9.21 26.87 11.55
CA THR B 52 -10.06 26.05 12.40
C THR B 52 -9.35 25.51 13.62
N GLY B 53 -8.02 25.64 13.65
CA GLY B 53 -7.24 25.26 14.82
C GLY B 53 -6.98 23.77 14.92
N HIS B 54 -7.56 23.01 14.00
CA HIS B 54 -7.46 21.56 14.06
C HIS B 54 -6.32 21.05 13.21
N ARG B 55 -6.00 19.78 13.40
CA ARG B 55 -4.99 19.14 12.57
C ARG B 55 -5.71 18.27 11.56
N VAL B 56 -5.24 18.27 10.32
CA VAL B 56 -5.99 17.65 9.22
C VAL B 56 -5.08 17.03 8.17
N ALA B 57 -5.67 16.19 7.32
CA ALA B 57 -4.91 15.56 6.23
C ALA B 57 -5.28 16.22 4.91
N VAL B 58 -4.34 16.19 3.98
CA VAL B 58 -4.49 16.87 2.71
C VAL B 58 -3.91 15.97 1.64
N LYS B 59 -4.75 15.27 0.88
CA LYS B 59 -4.23 14.40 -0.16
C LYS B 59 -4.38 14.95 -1.57
N LYS B 60 -3.30 14.89 -2.34
CA LYS B 60 -3.33 15.38 -3.71
C LYS B 60 -3.51 14.22 -4.68
N LEU B 61 -4.71 14.10 -5.24
CA LEU B 61 -4.97 12.99 -6.14
C LEU B 61 -3.89 12.86 -7.22
N SER B 62 -3.61 11.63 -7.63
CA SER B 62 -2.64 11.38 -8.69
C SER B 62 -3.32 11.21 -10.03
N ARG B 63 -2.63 11.61 -11.10
CA ARG B 63 -3.06 11.33 -12.46
C ARG B 63 -4.59 11.30 -12.56
N PRO B 64 -5.25 12.39 -12.14
CA PRO B 64 -6.71 12.50 -12.02
C PRO B 64 -7.43 12.37 -13.36
N PHE B 65 -6.90 13.04 -14.38
CA PHE B 65 -7.51 13.02 -15.71
C PHE B 65 -6.52 12.54 -16.77
N GLN B 66 -6.09 11.30 -16.66
CA GLN B 66 -5.17 10.73 -17.63
C GLN B 66 -5.91 9.88 -18.64
N SER B 67 -7.04 9.34 -18.19
CA SER B 67 -7.84 8.43 -19.01
C SER B 67 -9.32 8.66 -18.72
N ILE B 68 -10.18 8.04 -19.52
CA ILE B 68 -11.61 8.01 -19.22
C ILE B 68 -11.80 7.10 -18.01
N ILE B 69 -10.97 6.06 -17.90
CA ILE B 69 -10.96 5.17 -16.74
C ILE B 69 -10.68 5.97 -15.47
N HIS B 70 -9.70 6.88 -15.58
CA HIS B 70 -9.24 7.67 -14.45
C HIS B 70 -10.14 8.87 -14.24
N ALA B 71 -10.53 9.52 -15.33
CA ALA B 71 -11.36 10.71 -15.27
C ALA B 71 -12.68 10.37 -14.60
N LYS B 72 -13.36 9.37 -15.13
CA LYS B 72 -14.60 8.88 -14.55
C LYS B 72 -14.37 8.50 -13.08
N ARG B 73 -13.27 7.79 -12.83
CA ARG B 73 -12.94 7.29 -11.50
C ARG B 73 -12.83 8.41 -10.48
N THR B 74 -12.41 9.59 -10.92
CA THR B 74 -12.22 10.73 -10.04
C THR B 74 -13.54 11.42 -9.74
N TYR B 75 -14.38 11.53 -10.77
CA TYR B 75 -15.70 12.12 -10.59
C TYR B 75 -16.55 11.21 -9.71
N ARG B 76 -16.45 9.90 -9.92
CA ARG B 76 -17.11 8.97 -9.02
C ARG B 76 -16.68 9.26 -7.59
N GLU B 77 -15.38 9.18 -7.34
CA GLU B 77 -14.84 9.30 -5.99
C GLU B 77 -15.23 10.62 -5.32
N LEU B 78 -15.25 11.69 -6.09
CA LEU B 78 -15.62 12.98 -5.52
C LEU B 78 -17.08 12.92 -5.11
N ARG B 79 -17.94 12.53 -6.05
CA ARG B 79 -19.38 12.44 -5.81
C ARG B 79 -19.69 11.71 -4.52
N LEU B 80 -19.05 10.57 -4.30
CA LEU B 80 -19.25 9.85 -3.06
C LEU B 80 -18.95 10.76 -1.86
N LEU B 81 -17.70 11.21 -1.77
CA LEU B 81 -17.20 11.82 -0.54
C LEU B 81 -17.98 13.06 -0.17
N LYS B 82 -18.56 13.71 -1.17
CA LYS B 82 -19.38 14.88 -0.91
C LYS B 82 -20.67 14.49 -0.18
N HIS B 83 -21.12 13.26 -0.38
CA HIS B 83 -22.40 12.81 0.17
C HIS B 83 -22.26 11.92 1.40
N MET B 84 -21.04 11.48 1.65
CA MET B 84 -20.76 10.63 2.82
C MET B 84 -20.64 11.49 4.07
N LYS B 85 -21.65 11.42 4.92
CA LYS B 85 -21.64 12.13 6.20
C LYS B 85 -21.89 11.14 7.33
N HIS B 86 -20.86 10.86 8.13
CA HIS B 86 -21.00 9.85 9.17
C HIS B 86 -19.78 9.71 10.09
N GLU B 87 -20.03 9.43 11.36
CA GLU B 87 -19.00 9.35 12.38
C GLU B 87 -17.91 8.32 12.06
N ASN B 88 -18.28 7.30 11.30
CA ASN B 88 -17.39 6.16 11.07
C ASN B 88 -17.02 5.94 9.62
N VAL B 89 -17.45 6.84 8.74
CA VAL B 89 -16.93 6.86 7.38
C VAL B 89 -16.17 8.16 7.25
N ILE B 90 -15.15 8.19 6.41
CA ILE B 90 -14.29 9.35 6.36
C ILE B 90 -15.02 10.55 5.76
N GLY B 91 -15.23 11.56 6.60
CA GLY B 91 -15.93 12.76 6.16
C GLY B 91 -15.02 13.76 5.48
N LEU B 92 -15.61 14.65 4.71
CA LEU B 92 -14.86 15.60 3.91
C LEU B 92 -14.83 16.97 4.59
N LEU B 93 -13.65 17.57 4.68
CA LEU B 93 -13.46 18.84 5.38
C LEU B 93 -13.31 20.03 4.45
N ASP B 94 -12.80 19.79 3.26
CA ASP B 94 -12.77 20.81 2.24
C ASP B 94 -12.30 20.13 0.98
N VAL B 95 -12.54 20.75 -0.18
CA VAL B 95 -11.83 20.34 -1.37
C VAL B 95 -11.52 21.58 -2.19
N PHE B 96 -10.31 21.64 -2.76
CA PHE B 96 -9.86 22.82 -3.46
C PHE B 96 -9.03 22.51 -4.70
N THR B 97 -8.58 23.56 -5.37
CA THR B 97 -7.93 23.40 -6.65
C THR B 97 -7.34 24.73 -7.07
N PRO B 98 -6.03 24.75 -7.38
CA PRO B 98 -5.29 25.98 -7.67
C PRO B 98 -5.62 26.61 -9.03
N ALA B 99 -6.30 25.85 -9.89
CA ALA B 99 -6.72 26.35 -11.19
C ALA B 99 -7.76 27.47 -11.01
N ARG B 100 -7.77 28.41 -11.94
CA ARG B 100 -8.67 29.55 -11.84
C ARG B 100 -9.88 29.41 -12.78
N SER B 101 -9.81 28.39 -13.65
CA SER B 101 -10.91 28.05 -14.55
C SER B 101 -10.58 26.80 -15.37
N LEU B 102 -11.61 26.03 -15.73
CA LEU B 102 -11.49 24.69 -16.34
C LEU B 102 -10.22 24.38 -17.14
N GLU B 103 -9.66 25.42 -17.76
CA GLU B 103 -8.45 25.27 -18.56
C GLU B 103 -7.28 24.85 -17.68
N GLU B 104 -7.00 25.66 -16.66
CA GLU B 104 -5.88 25.42 -15.75
C GLU B 104 -6.12 24.20 -14.87
N PHE B 105 -7.35 23.69 -14.90
CA PHE B 105 -7.71 22.56 -14.07
C PHE B 105 -6.76 21.42 -14.38
N ASN B 106 -6.20 20.83 -13.34
CA ASN B 106 -5.37 19.64 -13.49
C ASN B 106 -5.30 18.84 -12.21
N ASP B 107 -5.45 19.52 -11.07
CA ASP B 107 -5.22 18.85 -9.80
C ASP B 107 -6.38 19.03 -8.83
N VAL B 108 -6.66 18.00 -8.04
CA VAL B 108 -7.70 18.08 -7.04
C VAL B 108 -7.16 17.67 -5.69
N TYR B 109 -7.37 18.51 -4.68
CA TYR B 109 -6.85 18.19 -3.35
C TYR B 109 -7.98 17.97 -2.37
N LEU B 110 -7.87 16.92 -1.58
CA LEU B 110 -8.84 16.65 -0.53
C LEU B 110 -8.28 17.00 0.83
N VAL B 111 -9.15 17.42 1.74
CA VAL B 111 -8.76 17.70 3.11
C VAL B 111 -9.69 16.93 4.01
N THR B 112 -9.12 16.12 4.89
CA THR B 112 -9.92 15.20 5.69
C THR B 112 -9.39 15.28 7.10
N HIS B 113 -10.13 14.79 8.07
CA HIS B 113 -9.61 14.89 9.41
C HIS B 113 -8.54 13.83 9.66
N LEU B 114 -7.50 14.27 10.37
CA LEU B 114 -6.31 13.45 10.59
C LEU B 114 -6.58 12.41 11.68
N MET B 115 -6.07 11.20 11.47
CA MET B 115 -6.31 10.10 12.38
C MET B 115 -5.01 9.48 12.85
N GLY B 116 -4.23 8.92 11.92
CA GLY B 116 -2.83 8.66 12.21
C GLY B 116 -2.49 7.26 12.71
N ALA B 117 -3.29 6.29 12.31
CA ALA B 117 -2.95 4.88 12.46
C ALA B 117 -4.04 4.12 11.73
N ASP B 118 -3.70 2.95 11.20
CA ASP B 118 -4.71 2.08 10.60
C ASP B 118 -4.50 0.70 11.17
N LEU B 119 -5.55 -0.12 11.20
CA LEU B 119 -5.45 -1.46 11.76
C LEU B 119 -4.35 -2.32 11.13
N ASN B 120 -4.02 -2.06 9.87
CA ASN B 120 -2.95 -2.79 9.22
C ASN B 120 -1.78 -2.76 10.17
N ASN B 121 -1.48 -1.58 10.67
CA ASN B 121 -0.22 -1.36 11.37
C ASN B 121 -0.38 -1.61 12.87
N ILE B 122 -1.57 -1.35 13.39
CA ILE B 122 -1.82 -1.58 14.80
C ILE B 122 -1.75 -3.07 15.13
N VAL B 123 -2.28 -3.89 14.25
CA VAL B 123 -2.36 -5.32 14.51
C VAL B 123 -0.98 -5.96 14.67
N LYS B 124 0.06 -5.26 14.18
CA LYS B 124 1.44 -5.75 14.24
C LYS B 124 2.27 -5.18 15.39
N CYS B 125 1.72 -4.23 16.12
CA CYS B 125 2.48 -3.61 17.20
C CYS B 125 1.81 -3.76 18.57
N GLN B 126 0.55 -4.19 18.57
CA GLN B 126 -0.26 -4.21 19.76
C GLN B 126 -1.06 -5.47 19.80
N LYS B 127 -1.13 -6.09 20.98
CA LYS B 127 -2.07 -7.19 21.19
C LYS B 127 -3.42 -6.62 21.62
N LEU B 128 -4.42 -6.71 20.76
CA LEU B 128 -5.75 -6.16 21.07
C LEU B 128 -6.55 -7.03 22.04
N THR B 129 -7.34 -6.37 22.89
CA THR B 129 -8.20 -7.08 23.84
C THR B 129 -9.53 -7.34 23.18
N ASP B 130 -10.31 -8.25 23.79
CA ASP B 130 -11.66 -8.48 23.33
C ASP B 130 -12.46 -7.17 23.30
N ASP B 131 -12.31 -6.34 24.33
CA ASP B 131 -13.05 -5.10 24.41
C ASP B 131 -12.66 -4.17 23.26
N HIS B 132 -11.37 -4.17 22.91
CA HIS B 132 -10.89 -3.45 21.73
C HIS B 132 -11.65 -3.91 20.50
N VAL B 133 -11.67 -5.23 20.29
CA VAL B 133 -12.27 -5.81 19.10
C VAL B 133 -13.78 -5.60 19.00
N GLN B 134 -14.45 -5.64 20.15
CA GLN B 134 -15.88 -5.40 20.18
C GLN B 134 -16.18 -4.03 19.60
N PHE B 135 -15.46 -3.04 20.10
CA PHE B 135 -15.76 -1.64 19.80
C PHE B 135 -15.25 -1.26 18.40
N LEU B 136 -14.18 -1.93 17.98
CA LEU B 136 -13.62 -1.65 16.66
C LEU B 136 -14.56 -2.19 15.59
N ILE B 137 -14.85 -3.48 15.67
CA ILE B 137 -15.74 -4.07 14.69
C ILE B 137 -17.13 -3.49 14.77
N TYR B 138 -17.50 -2.99 15.95
CA TYR B 138 -18.81 -2.35 16.05
C TYR B 138 -18.83 -1.15 15.11
N GLN B 139 -17.77 -0.35 15.15
CA GLN B 139 -17.73 0.88 14.38
C GLN B 139 -17.67 0.58 12.89
N ILE B 140 -16.94 -0.46 12.51
CA ILE B 140 -16.88 -0.83 11.10
C ILE B 140 -18.27 -1.17 10.60
N LEU B 141 -19.09 -1.79 11.44
CA LEU B 141 -20.43 -2.19 11.04
C LEU B 141 -21.37 -0.99 10.98
N ARG B 142 -21.14 -0.01 11.86
CA ARG B 142 -22.00 1.17 11.88
C ARG B 142 -21.90 1.94 10.56
N GLY B 143 -20.68 2.18 10.10
CA GLY B 143 -20.49 2.90 8.85
C GLY B 143 -20.86 2.04 7.67
N LEU B 144 -20.70 0.73 7.82
CA LEU B 144 -21.09 -0.19 6.76
C LEU B 144 -22.58 -0.09 6.46
N LYS B 145 -23.40 -0.26 7.51
CA LYS B 145 -24.86 -0.05 7.44
C LYS B 145 -25.21 1.25 6.74
N TYR B 146 -24.62 2.34 7.20
CA TYR B 146 -24.87 3.63 6.56
C TYR B 146 -24.48 3.55 5.08
N ILE B 147 -23.32 2.98 4.76
CA ILE B 147 -22.84 3.00 3.39
C ILE B 147 -23.73 2.16 2.48
N HIS B 148 -24.05 0.97 2.93
CA HIS B 148 -24.90 0.12 2.13
C HIS B 148 -26.23 0.81 1.80
N SER B 149 -26.73 1.57 2.77
CA SER B 149 -27.99 2.31 2.62
C SER B 149 -27.93 3.20 1.40
N ALA B 150 -26.86 3.99 1.30
CA ALA B 150 -26.70 4.88 0.17
C ALA B 150 -26.71 4.07 -1.12
N ASP B 151 -26.93 2.77 -0.97
CA ASP B 151 -26.64 1.78 -2.01
C ASP B 151 -25.23 1.98 -2.55
N ILE B 152 -24.24 1.76 -1.69
CA ILE B 152 -22.86 1.68 -2.14
C ILE B 152 -22.27 0.39 -1.62
N ILE B 153 -21.46 -0.26 -2.43
CA ILE B 153 -20.72 -1.42 -1.98
C ILE B 153 -19.27 -1.00 -1.89
N HIS B 154 -18.71 -1.07 -0.68
CA HIS B 154 -17.33 -0.62 -0.51
C HIS B 154 -16.37 -1.38 -1.43
N ARG B 155 -16.32 -2.70 -1.32
CA ARG B 155 -15.77 -3.53 -2.39
C ARG B 155 -14.32 -3.93 -2.09
N ASP B 156 -13.62 -3.10 -1.34
CA ASP B 156 -12.21 -3.33 -1.07
C ASP B 156 -11.84 -3.01 0.38
N LEU B 157 -12.68 -3.49 1.30
CA LEU B 157 -12.50 -3.24 2.73
C LEU B 157 -11.40 -4.10 3.40
N LYS B 158 -10.31 -3.45 3.83
CA LYS B 158 -9.18 -4.14 4.44
C LYS B 158 -8.65 -3.31 5.62
N PRO B 159 -7.73 -3.87 6.41
CA PRO B 159 -7.22 -3.22 7.63
C PRO B 159 -6.49 -1.93 7.35
N SER B 160 -5.89 -1.82 6.17
CA SER B 160 -5.15 -0.62 5.82
C SER B 160 -6.09 0.46 5.25
N ASN B 161 -7.38 0.18 5.23
CA ASN B 161 -8.40 1.12 4.77
C ASN B 161 -9.18 1.69 5.94
N LEU B 162 -8.77 1.32 7.14
CA LEU B 162 -9.51 1.71 8.33
C LEU B 162 -8.65 2.56 9.27
N ALA B 163 -8.78 3.88 9.15
CA ALA B 163 -8.04 4.80 10.02
C ALA B 163 -8.55 4.77 11.45
N VAL B 164 -7.62 4.57 12.39
CA VAL B 164 -7.94 4.58 13.81
C VAL B 164 -6.98 5.49 14.56
N ASN B 165 -7.51 6.31 15.46
CA ASN B 165 -6.66 7.12 16.35
C ASN B 165 -6.62 6.50 17.74
N GLU B 166 -5.93 7.14 18.67
CA GLU B 166 -5.64 6.51 19.95
C GLU B 166 -6.80 6.50 20.94
N ASP B 167 -7.66 7.49 20.85
CA ASP B 167 -8.83 7.48 21.68
C ASP B 167 -9.87 6.58 21.01
N CYS B 168 -9.40 5.78 20.06
CA CYS B 168 -10.04 4.52 19.65
C CYS B 168 -11.09 4.66 18.58
N GLU B 169 -11.33 5.86 18.10
CA GLU B 169 -12.29 6.02 17.02
C GLU B 169 -11.82 5.37 15.72
N LEU B 170 -12.74 4.76 14.98
CA LEU B 170 -12.40 4.16 13.69
C LEU B 170 -13.14 4.87 12.57
N LYS B 171 -12.50 5.00 11.41
CA LYS B 171 -13.12 5.55 10.22
C LYS B 171 -12.77 4.70 8.99
N ILE B 172 -13.69 4.63 8.04
CA ILE B 172 -13.52 3.83 6.83
C ILE B 172 -12.98 4.72 5.71
N LEU B 173 -12.05 4.20 4.91
CA LEU B 173 -11.40 4.99 3.86
C LEU B 173 -11.62 4.49 2.43
N ASP B 174 -11.17 5.29 1.46
CA ASP B 174 -10.71 4.77 0.16
C ASP B 174 -11.72 3.89 -0.59
N PHE B 175 -12.62 4.50 -1.35
CA PHE B 175 -13.68 3.75 -2.01
C PHE B 175 -13.45 3.40 -3.48
N GLY B 176 -12.73 4.25 -4.20
CA GLY B 176 -12.64 4.23 -5.67
C GLY B 176 -12.74 2.93 -6.45
N LEU B 177 -13.10 1.84 -5.77
CA LEU B 177 -13.52 0.62 -6.43
C LEU B 177 -15.00 0.38 -6.11
N ALA B 178 -15.73 1.45 -5.81
CA ALA B 178 -17.13 1.36 -5.44
C ALA B 178 -18.07 1.92 -6.51
N GLY B 187 -7.68 -2.20 -11.91
CA GLY B 187 -6.27 -1.84 -11.81
C GLY B 187 -5.40 -2.98 -11.32
N TYR B 188 -4.42 -2.69 -10.48
CA TYR B 188 -3.66 -3.76 -9.82
C TYR B 188 -4.01 -3.86 -8.34
N VAL B 189 -4.07 -5.08 -7.83
CA VAL B 189 -4.15 -5.31 -6.38
C VAL B 189 -3.13 -6.41 -6.06
N ALA B 190 -2.41 -6.25 -4.96
CA ALA B 190 -1.24 -7.11 -4.72
C ALA B 190 -1.62 -8.40 -4.01
N THR B 191 -2.77 -8.39 -3.32
CA THR B 191 -3.30 -9.59 -2.67
C THR B 191 -4.81 -9.42 -2.49
N ARG B 192 -5.51 -10.53 -2.36
CA ARG B 192 -6.96 -10.51 -2.20
C ARG B 192 -7.35 -11.26 -0.94
N TRP B 193 -6.54 -11.09 0.10
CA TRP B 193 -6.77 -11.80 1.34
C TRP B 193 -8.11 -11.48 1.98
N TYR B 194 -8.82 -10.49 1.46
CA TYR B 194 -9.96 -10.00 2.18
C TYR B 194 -11.23 -9.98 1.31
N ARG B 195 -11.06 -10.26 0.03
CA ARG B 195 -12.18 -10.34 -0.90
C ARG B 195 -12.91 -11.68 -0.79
N ALA B 196 -14.23 -11.62 -0.86
CA ALA B 196 -15.07 -12.81 -0.74
C ALA B 196 -15.04 -13.57 -2.06
N PRO B 197 -15.03 -14.92 -2.01
CA PRO B 197 -14.79 -15.82 -3.14
C PRO B 197 -15.72 -15.60 -4.31
N GLU B 198 -16.92 -15.10 -4.01
CA GLU B 198 -17.87 -14.69 -5.03
C GLU B 198 -17.20 -13.77 -6.03
N ILE B 199 -16.62 -12.68 -5.53
CA ILE B 199 -16.10 -11.59 -6.36
C ILE B 199 -14.70 -11.89 -6.89
N MET B 200 -14.14 -13.02 -6.45
CA MET B 200 -12.74 -13.34 -6.71
C MET B 200 -12.67 -14.23 -7.93
N LEU B 201 -13.57 -15.21 -7.99
CA LEU B 201 -13.64 -16.09 -9.14
C LEU B 201 -14.90 -15.84 -9.95
N ASN B 202 -15.62 -14.79 -9.57
CA ASN B 202 -16.93 -14.47 -10.13
C ASN B 202 -17.74 -15.70 -10.54
N TRP B 203 -18.23 -16.45 -9.54
CA TRP B 203 -19.24 -17.49 -9.78
C TRP B 203 -20.61 -16.86 -9.63
N MET B 204 -21.16 -16.95 -8.43
CA MET B 204 -22.37 -16.21 -8.10
C MET B 204 -22.15 -14.76 -8.51
N HIS B 205 -23.20 -13.97 -8.44
CA HIS B 205 -23.01 -12.54 -8.35
C HIS B 205 -23.43 -12.10 -6.95
N TYR B 206 -23.19 -10.84 -6.61
CA TYR B 206 -22.84 -10.50 -5.23
C TYR B 206 -23.79 -9.57 -4.48
N ASN B 207 -23.86 -9.78 -3.17
CA ASN B 207 -24.61 -8.92 -2.27
C ASN B 207 -23.78 -7.72 -1.86
N GLN B 208 -24.34 -6.89 -0.98
CA GLN B 208 -23.52 -5.98 -0.23
C GLN B 208 -22.74 -6.80 0.78
N THR B 209 -23.09 -8.08 0.91
CA THR B 209 -22.49 -8.92 1.93
C THR B 209 -21.06 -9.25 1.58
N VAL B 210 -20.67 -8.94 0.36
CA VAL B 210 -19.28 -9.08 0.02
C VAL B 210 -18.48 -8.38 1.12
N ASP B 211 -18.79 -7.10 1.36
CA ASP B 211 -18.17 -6.33 2.44
C ASP B 211 -18.20 -7.06 3.78
N ILE B 212 -19.30 -7.73 4.10
CA ILE B 212 -19.36 -8.47 5.35
C ILE B 212 -18.35 -9.59 5.44
N TRP B 213 -17.94 -10.11 4.28
CA TRP B 213 -16.92 -11.14 4.25
C TRP B 213 -15.59 -10.57 4.72
N SER B 214 -15.30 -9.34 4.32
CA SER B 214 -14.04 -8.72 4.68
C SER B 214 -14.06 -8.50 6.18
N VAL B 215 -15.12 -7.86 6.65
CA VAL B 215 -15.27 -7.61 8.08
C VAL B 215 -14.98 -8.86 8.90
N GLY B 216 -15.45 -10.01 8.42
CA GLY B 216 -15.16 -11.25 9.11
C GLY B 216 -13.67 -11.53 9.20
N CYS B 217 -12.97 -11.41 8.08
CA CYS B 217 -11.53 -11.65 8.04
C CYS B 217 -10.79 -10.69 8.96
N ILE B 218 -11.21 -9.43 8.93
CA ILE B 218 -10.60 -8.41 9.75
C ILE B 218 -10.75 -8.75 11.23
N MET B 219 -11.96 -9.10 11.64
CA MET B 219 -12.23 -9.45 13.03
C MET B 219 -11.38 -10.66 13.42
N ALA B 220 -11.29 -11.63 12.52
CA ALA B 220 -10.49 -12.80 12.77
C ALA B 220 -9.06 -12.38 13.13
N GLU B 221 -8.55 -11.45 12.34
CA GLU B 221 -7.15 -11.00 12.44
C GLU B 221 -6.91 -10.19 13.71
N LEU B 222 -7.88 -9.35 14.09
CA LEU B 222 -7.79 -8.62 15.34
C LEU B 222 -7.67 -9.61 16.50
N LEU B 223 -8.50 -10.65 16.48
CA LEU B 223 -8.56 -11.55 17.62
C LEU B 223 -7.32 -12.42 17.74
N THR B 224 -6.54 -12.49 16.68
CA THR B 224 -5.50 -13.50 16.53
C THR B 224 -4.15 -12.86 16.29
N GLY B 225 -4.19 -11.70 15.64
CA GLY B 225 -2.96 -11.04 15.29
C GLY B 225 -2.40 -11.61 14.01
N ARG B 226 -2.99 -12.70 13.50
CA ARG B 226 -2.58 -13.26 12.22
C ARG B 226 -3.64 -13.05 11.14
N THR B 227 -3.18 -12.92 9.90
CA THR B 227 -4.06 -12.78 8.73
C THR B 227 -4.77 -14.10 8.45
N LEU B 228 -6.06 -14.04 8.16
CA LEU B 228 -6.86 -15.27 8.03
C LEU B 228 -6.51 -16.12 6.80
N PHE B 229 -6.52 -15.51 5.63
CA PHE B 229 -6.34 -16.25 4.39
C PHE B 229 -5.19 -15.71 3.56
N PRO B 230 -3.96 -15.78 4.07
CA PRO B 230 -2.81 -15.20 3.37
C PRO B 230 -2.41 -16.00 2.14
N GLY B 231 -3.19 -15.93 1.07
CA GLY B 231 -2.91 -16.79 -0.07
C GLY B 231 -2.11 -16.14 -1.18
N THR B 232 -1.48 -16.98 -2.00
CA THR B 232 -0.64 -16.51 -3.11
C THR B 232 -1.43 -16.34 -4.41
N ASP B 233 -1.68 -17.44 -5.11
CA ASP B 233 -2.54 -17.41 -6.29
C ASP B 233 -4.02 -17.69 -5.94
N HIS B 234 -4.89 -17.48 -6.92
CA HIS B 234 -6.33 -17.52 -6.68
C HIS B 234 -6.77 -18.88 -6.23
N ILE B 235 -5.97 -19.90 -6.53
CA ILE B 235 -6.28 -21.26 -6.10
C ILE B 235 -5.81 -21.44 -4.66
N ASP B 236 -4.58 -21.05 -4.38
CA ASP B 236 -4.04 -21.15 -3.05
C ASP B 236 -4.93 -20.36 -2.08
N GLN B 237 -5.42 -19.21 -2.54
CA GLN B 237 -6.29 -18.41 -1.71
C GLN B 237 -7.60 -19.13 -1.51
N LEU B 238 -8.08 -19.76 -2.58
CA LEU B 238 -9.35 -20.45 -2.54
C LEU B 238 -9.26 -21.74 -1.73
N LYS B 239 -8.12 -22.41 -1.83
CA LYS B 239 -7.91 -23.62 -1.04
C LYS B 239 -7.83 -23.35 0.47
N LEU B 240 -7.49 -22.12 0.87
CA LEU B 240 -7.46 -21.75 2.29
C LEU B 240 -8.84 -21.39 2.81
N ILE B 241 -9.57 -20.62 2.02
CA ILE B 241 -10.92 -20.29 2.39
C ILE B 241 -11.68 -21.57 2.71
N LEU B 242 -11.56 -22.55 1.81
CA LEU B 242 -12.33 -23.79 1.92
C LEU B 242 -11.87 -24.66 3.06
N ARG B 243 -10.57 -24.58 3.35
CA ARG B 243 -10.03 -25.28 4.50
C ARG B 243 -10.68 -24.85 5.81
N LEU B 244 -11.20 -23.63 5.88
CA LEU B 244 -11.90 -23.19 7.08
C LEU B 244 -13.40 -23.44 7.00
N VAL B 245 -14.03 -22.93 5.95
CA VAL B 245 -15.49 -22.95 5.82
C VAL B 245 -16.04 -24.22 5.14
N GLY B 246 -15.18 -25.22 4.94
CA GLY B 246 -15.61 -26.44 4.29
C GLY B 246 -16.07 -26.24 2.85
N THR B 247 -15.93 -27.29 2.04
CA THR B 247 -16.31 -27.22 0.64
C THR B 247 -17.83 -27.02 0.54
N PRO B 248 -18.30 -26.50 -0.61
CA PRO B 248 -19.75 -26.31 -0.87
C PRO B 248 -20.52 -27.63 -0.90
N GLY B 249 -21.82 -27.54 -0.59
CA GLY B 249 -22.72 -28.64 -0.80
C GLY B 249 -23.49 -28.43 -2.09
N ALA B 250 -24.12 -29.49 -2.60
CA ALA B 250 -24.85 -29.42 -3.86
C ALA B 250 -25.88 -28.29 -3.82
N GLU B 251 -26.41 -28.01 -2.63
CA GLU B 251 -27.21 -26.82 -2.44
C GLU B 251 -26.52 -25.67 -3.17
N LEU B 252 -25.47 -25.15 -2.55
CA LEU B 252 -24.86 -23.90 -2.99
C LEU B 252 -24.18 -24.04 -4.36
N LEU B 253 -23.73 -25.24 -4.71
CA LEU B 253 -23.04 -25.41 -5.99
C LEU B 253 -24.00 -25.13 -7.14
N LYS B 254 -25.27 -25.47 -6.92
CA LYS B 254 -26.33 -25.11 -7.83
C LYS B 254 -26.31 -23.61 -8.10
N LYS B 255 -26.08 -22.83 -7.04
CA LYS B 255 -26.15 -21.38 -7.14
C LYS B 255 -24.90 -20.80 -7.80
N ILE B 256 -23.95 -21.66 -8.17
CA ILE B 256 -22.73 -21.22 -8.82
C ILE B 256 -22.91 -21.01 -10.31
N SER B 257 -22.16 -20.05 -10.85
CA SER B 257 -22.23 -19.71 -12.27
C SER B 257 -21.40 -20.64 -13.16
N SER B 258 -20.07 -20.51 -13.09
CA SER B 258 -19.19 -21.14 -14.07
C SER B 258 -19.39 -22.64 -14.25
N GLU B 259 -18.78 -23.16 -15.31
CA GLU B 259 -18.68 -24.60 -15.53
C GLU B 259 -17.31 -25.03 -15.01
N SER B 260 -16.30 -24.27 -15.43
CA SER B 260 -14.92 -24.48 -14.97
C SER B 260 -14.81 -24.36 -13.46
N ALA B 261 -15.74 -23.62 -12.86
CA ALA B 261 -15.71 -23.38 -11.43
C ALA B 261 -16.29 -24.57 -10.66
N ARG B 262 -17.47 -25.03 -11.08
CA ARG B 262 -18.11 -26.16 -10.43
C ARG B 262 -17.17 -27.36 -10.41
N ASN B 263 -16.45 -27.58 -11.49
CA ASN B 263 -15.67 -28.81 -11.61
C ASN B 263 -14.47 -28.82 -10.68
N TYR B 264 -13.87 -27.65 -10.46
CA TYR B 264 -12.75 -27.55 -9.52
C TYR B 264 -13.22 -27.99 -8.14
N ILE B 265 -14.43 -27.58 -7.79
CA ILE B 265 -14.98 -27.92 -6.50
C ILE B 265 -15.13 -29.43 -6.35
N GLN B 266 -15.85 -30.07 -7.27
CA GLN B 266 -16.03 -31.51 -7.19
C GLN B 266 -14.70 -32.20 -7.22
N SER B 267 -13.76 -31.68 -8.00
CA SER B 267 -12.44 -32.30 -8.10
C SER B 267 -11.74 -32.27 -6.74
N LEU B 268 -12.44 -31.73 -5.74
CA LEU B 268 -11.88 -31.52 -4.41
C LEU B 268 -12.37 -32.51 -3.37
N ALA B 269 -11.42 -33.06 -2.62
CA ALA B 269 -11.72 -33.77 -1.39
C ALA B 269 -12.83 -33.03 -0.67
N GLN B 270 -14.05 -33.56 -0.72
CA GLN B 270 -15.17 -32.82 -0.16
C GLN B 270 -15.17 -32.91 1.36
N MET B 271 -15.02 -31.74 2.00
CA MET B 271 -14.88 -31.62 3.46
C MET B 271 -16.00 -30.74 4.01
N PRO B 272 -16.52 -31.09 5.20
CA PRO B 272 -17.56 -30.32 5.89
C PRO B 272 -16.95 -29.27 6.79
N LYS B 273 -17.72 -28.23 7.09
CA LYS B 273 -17.24 -27.09 7.89
C LYS B 273 -16.89 -27.51 9.31
N MET B 274 -15.63 -27.34 9.67
CA MET B 274 -15.19 -27.57 11.04
C MET B 274 -15.64 -26.39 11.91
N ASN B 275 -16.17 -26.69 13.10
CA ASN B 275 -16.71 -25.67 14.00
C ASN B 275 -15.65 -24.68 14.47
N PHE B 276 -15.96 -23.40 14.33
CA PHE B 276 -14.99 -22.34 14.49
C PHE B 276 -14.50 -22.21 15.92
N ALA B 277 -15.30 -22.71 16.86
CA ALA B 277 -14.92 -22.65 18.24
C ALA B 277 -13.77 -23.60 18.51
N ASN B 278 -13.55 -24.54 17.58
CA ASN B 278 -12.44 -25.50 17.67
C ASN B 278 -11.14 -24.91 17.13
N VAL B 279 -11.28 -23.85 16.32
CA VAL B 279 -10.18 -23.23 15.58
C VAL B 279 -9.56 -22.07 16.35
N PHE B 280 -10.40 -21.09 16.70
CA PHE B 280 -9.95 -19.91 17.44
C PHE B 280 -9.97 -20.14 18.94
N ILE B 281 -9.09 -20.99 19.43
CA ILE B 281 -9.20 -21.40 20.82
C ILE B 281 -8.95 -20.19 21.73
N GLY B 282 -9.87 -19.95 22.67
CA GLY B 282 -9.66 -18.87 23.62
C GLY B 282 -10.24 -17.53 23.18
N ALA B 283 -11.22 -17.58 22.29
CA ALA B 283 -11.91 -16.38 21.85
C ALA B 283 -13.18 -16.23 22.66
N ASN B 284 -13.61 -15.00 22.88
CA ASN B 284 -14.91 -14.80 23.52
C ASN B 284 -15.97 -15.53 22.71
N PRO B 285 -16.59 -16.56 23.28
CA PRO B 285 -17.45 -17.43 22.46
C PRO B 285 -18.48 -16.66 21.67
N LEU B 286 -18.92 -15.54 22.21
CA LEU B 286 -19.95 -14.76 21.54
C LEU B 286 -19.44 -14.26 20.20
N ALA B 287 -18.12 -14.14 20.06
CA ALA B 287 -17.50 -13.60 18.84
C ALA B 287 -17.25 -14.70 17.82
N VAL B 288 -16.79 -15.85 18.30
CA VAL B 288 -16.60 -17.00 17.43
C VAL B 288 -17.91 -17.24 16.72
N ASP B 289 -19.00 -17.03 17.46
CA ASP B 289 -20.34 -17.17 16.91
C ASP B 289 -20.65 -16.16 15.81
N LEU B 290 -20.28 -14.89 16.02
CA LEU B 290 -20.55 -13.89 15.00
C LEU B 290 -19.68 -14.15 13.79
N LEU B 291 -18.49 -14.70 14.03
CA LEU B 291 -17.63 -15.12 12.93
C LEU B 291 -18.36 -16.11 12.06
N GLU B 292 -18.88 -17.15 12.68
CA GLU B 292 -19.56 -18.22 11.95
C GLU B 292 -20.68 -17.68 11.06
N LYS B 293 -21.19 -16.49 11.36
CA LYS B 293 -22.28 -15.91 10.56
C LYS B 293 -21.84 -14.90 9.50
N MET B 294 -20.57 -14.47 9.57
CA MET B 294 -20.01 -13.58 8.55
C MET B 294 -19.24 -14.38 7.48
N LEU B 295 -18.34 -15.26 7.91
CA LEU B 295 -17.53 -16.05 7.00
C LEU B 295 -18.29 -17.26 6.46
N VAL B 296 -19.35 -16.97 5.72
CA VAL B 296 -20.21 -18.01 5.16
C VAL B 296 -20.16 -17.95 3.66
N LEU B 297 -20.15 -19.11 3.04
CA LEU B 297 -19.87 -19.21 1.62
C LEU B 297 -21.03 -18.74 0.72
N ASP B 298 -22.26 -18.93 1.19
CA ASP B 298 -23.42 -18.52 0.41
C ASP B 298 -23.78 -17.04 0.70
N SER B 299 -23.81 -16.26 -0.37
CA SER B 299 -24.08 -14.83 -0.29
C SER B 299 -25.43 -14.58 0.33
N ASP B 300 -26.47 -15.12 -0.31
CA ASP B 300 -27.85 -14.86 0.09
C ASP B 300 -28.09 -15.18 1.55
N LYS B 301 -27.23 -16.02 2.12
CA LYS B 301 -27.36 -16.44 3.52
C LYS B 301 -26.27 -15.89 4.44
N ARG B 302 -25.63 -14.79 4.05
CA ARG B 302 -24.61 -14.20 4.91
C ARG B 302 -25.21 -13.05 5.69
N ILE B 303 -24.88 -12.96 6.98
CA ILE B 303 -25.48 -11.93 7.84
C ILE B 303 -25.24 -10.55 7.25
N THR B 304 -26.16 -9.61 7.49
CA THR B 304 -25.99 -8.23 7.00
C THR B 304 -25.45 -7.26 8.05
N ALA B 305 -25.01 -6.09 7.58
CA ALA B 305 -24.39 -5.10 8.45
C ALA B 305 -25.32 -4.74 9.61
N ALA B 306 -26.55 -4.39 9.27
CA ALA B 306 -27.60 -4.12 10.25
C ALA B 306 -27.79 -5.26 11.25
N GLN B 307 -27.99 -6.46 10.73
CA GLN B 307 -28.29 -7.58 11.59
C GLN B 307 -27.14 -7.86 12.56
N ALA B 308 -25.92 -7.57 12.11
CA ALA B 308 -24.74 -7.87 12.90
C ALA B 308 -24.70 -7.01 14.18
N LEU B 309 -25.00 -5.72 14.04
CA LEU B 309 -24.99 -4.81 15.18
C LEU B 309 -25.87 -5.34 16.31
N ALA B 310 -27.03 -5.86 15.93
CA ALA B 310 -27.99 -6.38 16.90
C ALA B 310 -27.52 -7.73 17.48
N HIS B 311 -26.38 -8.23 17.00
CA HIS B 311 -25.80 -9.43 17.57
C HIS B 311 -25.29 -9.19 18.98
N ALA B 312 -25.13 -10.27 19.72
CA ALA B 312 -24.85 -10.23 21.15
C ALA B 312 -23.51 -9.60 21.47
N TYR B 313 -22.49 -9.96 20.69
CA TYR B 313 -21.14 -9.46 20.90
C TYR B 313 -21.17 -7.98 21.24
N PHE B 314 -21.96 -7.23 20.47
CA PHE B 314 -22.01 -5.79 20.57
C PHE B 314 -23.05 -5.30 21.57
N ALA B 315 -23.14 -5.98 22.71
CA ALA B 315 -24.10 -5.59 23.73
C ALA B 315 -23.72 -4.24 24.35
N GLN B 316 -22.42 -4.04 24.57
CA GLN B 316 -21.92 -2.80 25.16
C GLN B 316 -22.24 -1.58 24.32
N TYR B 317 -22.48 -1.79 23.03
CA TYR B 317 -22.42 -0.69 22.09
C TYR B 317 -23.62 -0.55 21.19
N HIS B 318 -24.47 -1.56 21.15
CA HIS B 318 -25.60 -1.48 20.23
C HIS B 318 -26.65 -0.49 20.68
N ASP B 319 -27.03 0.38 19.76
CA ASP B 319 -28.05 1.38 20.04
C ASP B 319 -28.82 1.67 18.77
N PRO B 320 -30.02 1.10 18.65
CA PRO B 320 -30.87 1.22 17.47
C PRO B 320 -31.10 2.68 17.12
N ASP B 321 -31.29 3.49 18.17
CA ASP B 321 -31.67 4.89 18.01
C ASP B 321 -30.54 5.78 17.51
N ASP B 322 -29.35 5.21 17.35
CA ASP B 322 -28.21 6.00 16.91
C ASP B 322 -27.36 5.24 15.90
N GLU B 323 -28.01 4.67 14.90
CA GLU B 323 -27.29 3.98 13.85
C GLU B 323 -27.85 4.42 12.51
N PRO B 324 -27.69 5.70 12.19
CA PRO B 324 -28.38 6.36 11.07
C PRO B 324 -28.07 5.70 9.74
N VAL B 325 -28.83 6.10 8.72
CA VAL B 325 -28.57 5.67 7.35
C VAL B 325 -28.44 6.92 6.50
N ALA B 326 -28.05 6.72 5.24
CA ALA B 326 -27.89 7.83 4.31
C ALA B 326 -29.08 7.91 3.37
N ASP B 327 -29.36 9.09 2.84
CA ASP B 327 -30.34 9.23 1.77
C ASP B 327 -29.66 9.04 0.43
N PRO B 328 -29.89 7.87 -0.21
CA PRO B 328 -29.03 7.51 -1.35
C PRO B 328 -28.97 8.64 -2.36
N TYR B 329 -27.86 8.76 -3.07
CA TYR B 329 -27.78 9.74 -4.15
C TYR B 329 -27.69 9.02 -5.49
N ASP B 330 -27.68 9.82 -6.55
CA ASP B 330 -28.03 9.35 -7.88
C ASP B 330 -26.85 8.92 -8.75
N GLN B 331 -27.06 9.04 -10.05
CA GLN B 331 -26.12 8.56 -11.04
C GLN B 331 -25.89 9.75 -11.94
N SER B 332 -25.84 10.94 -11.33
CA SER B 332 -25.94 12.22 -12.04
C SER B 332 -25.39 12.17 -13.46
N PHE B 333 -24.28 11.46 -13.64
CA PHE B 333 -23.91 10.92 -14.94
C PHE B 333 -23.44 9.49 -14.75
N GLU B 334 -22.25 9.33 -14.19
CA GLU B 334 -21.67 8.01 -13.96
C GLU B 334 -21.36 7.32 -15.28
N SER B 335 -22.35 6.64 -15.86
CA SER B 335 -22.09 5.85 -17.07
C SER B 335 -22.36 6.58 -18.37
N ARG B 336 -22.91 7.79 -18.28
CA ARG B 336 -23.00 8.67 -19.45
C ARG B 336 -21.58 8.79 -20.04
N ASP B 337 -21.26 7.91 -20.99
CA ASP B 337 -19.91 7.76 -21.49
C ASP B 337 -19.40 9.02 -22.19
N LEU B 338 -18.31 9.60 -21.67
CA LEU B 338 -17.79 10.85 -22.18
C LEU B 338 -16.29 10.84 -22.39
N LEU B 339 -15.81 11.74 -23.25
CA LEU B 339 -14.38 11.99 -23.45
C LEU B 339 -13.74 12.50 -22.16
N ILE B 340 -12.41 12.62 -22.19
CA ILE B 340 -11.68 13.09 -21.02
C ILE B 340 -11.99 14.54 -20.74
N ASP B 341 -11.89 15.39 -21.74
CA ASP B 341 -12.17 16.80 -21.54
C ASP B 341 -13.57 17.00 -20.99
N GLU B 342 -14.38 15.95 -21.07
CA GLU B 342 -15.74 15.98 -20.52
C GLU B 342 -15.70 15.92 -19.00
N TRP B 343 -15.31 14.75 -18.48
CA TRP B 343 -15.26 14.52 -17.05
C TRP B 343 -14.49 15.63 -16.32
N LYS B 344 -13.38 16.05 -16.92
CA LYS B 344 -12.51 17.06 -16.31
C LYS B 344 -13.30 18.34 -16.04
N SER B 345 -14.54 18.38 -16.53
CA SER B 345 -15.41 19.54 -16.32
C SER B 345 -16.51 19.22 -15.30
N LEU B 346 -17.09 18.03 -15.40
CA LEU B 346 -18.10 17.62 -14.44
C LEU B 346 -17.43 17.60 -13.07
N THR B 347 -16.23 17.02 -13.02
CA THR B 347 -15.46 16.99 -11.78
C THR B 347 -15.25 18.41 -11.32
N TYR B 348 -14.73 19.24 -12.22
CA TYR B 348 -14.46 20.64 -11.92
C TYR B 348 -15.66 21.27 -11.20
N ASP B 349 -16.87 20.97 -11.68
CA ASP B 349 -18.08 21.58 -11.12
C ASP B 349 -18.29 21.09 -9.69
N GLU B 350 -18.21 19.77 -9.51
CA GLU B 350 -18.33 19.17 -8.20
C GLU B 350 -17.35 19.81 -7.21
N VAL B 351 -16.24 20.33 -7.73
CA VAL B 351 -15.22 20.90 -6.89
C VAL B 351 -15.63 22.28 -6.38
N ILE B 352 -16.13 23.13 -7.28
CA ILE B 352 -16.52 24.49 -6.91
C ILE B 352 -17.88 24.45 -6.22
N SER B 353 -18.66 23.44 -6.53
CA SER B 353 -19.99 23.32 -5.93
C SER B 353 -19.91 23.07 -4.43
N PHE B 354 -18.72 22.71 -3.95
CA PHE B 354 -18.56 22.22 -2.58
C PHE B 354 -18.86 23.30 -1.53
N VAL B 355 -19.58 22.90 -0.48
CA VAL B 355 -19.78 23.77 0.68
C VAL B 355 -19.27 23.06 1.91
N PRO B 356 -18.48 23.76 2.72
CA PRO B 356 -17.95 23.12 3.93
C PRO B 356 -19.08 22.60 4.79
N PRO B 357 -18.85 21.47 5.46
CA PRO B 357 -19.74 20.96 6.51
C PRO B 357 -19.75 21.91 7.71
N PRO B 358 -20.62 21.65 8.70
CA PRO B 358 -20.84 22.57 9.81
C PRO B 358 -19.57 22.86 10.60
N LEU B 359 -19.19 24.14 10.64
CA LEU B 359 -18.06 24.57 11.44
C LEU B 359 -18.41 24.37 12.92
#